data_5E64
#
_entry.id   5E64
#
_cell.length_a   165.221
_cell.length_b   165.221
_cell.length_c   165.221
_cell.angle_alpha   90.00
_cell.angle_beta   90.00
_cell.angle_gamma   90.00
#
_symmetry.space_group_name_H-M   'P 21 3'
#
loop_
_entity.id
_entity.type
_entity.pdbx_description
1 polymer Hemagglutinin-esterase
2 polymer Hemagglutinin-esterase
3 branched alpha-D-mannopyranose-(1-3)-[alpha-D-mannopyranose-(1-6)]alpha-D-mannopyranose-(1-6)-beta-D-mannopyranose-(1-4)-2-acetamido-2-deoxy-beta-D-glucopyranose-(1-4)-2-acetamido-2-deoxy-beta-D-glucopyranose
4 branched 2-acetamido-2-deoxy-beta-D-glucopyranose-(1-4)-2-acetamido-2-deoxy-beta-D-glucopyranose
5 non-polymer 'CACODYLATE ION'
6 non-polymer 2-acetamido-2-deoxy-beta-D-glucopyranose
7 water water
#
loop_
_entity_poly.entity_id
_entity_poly.type
_entity_poly.pdbx_seq_one_letter_code
_entity_poly.pdbx_strand_id
1 'polypeptide(L)'
;ELICIVQRVNESFSLHSGFGGNVYSMKTEPMTGFTNVTKGASVINQKDWIGFGDSRTDLTNDQFPASSDVPLAVAKKFRS
LSGASLMLSAFGPPGKVDYLYQGCGKEKVFYEGVNWSPEAGIDCFGSNWTQTKKDFYSRIYEAARSSTCMTLVNSLDTKI
SSTTATAGTASSCSSSWMKSPLWYAESSVNPGAKPQVCGTEQSATFTLPTSFGIYKCNKHVVQLCYFVYENKAKFNTFGC
GDYYQNYYDGNGNLIGGMDNRVAAYRGIANAGVKIECPSKILNPGTYSIKSTPRFLLVPKRSYCFDTDGGYPIQVVQSEW
SASRRSDNATEEACLQTEGCIFIKKTTPYVGEADDNHGDIEMRQLLSGLGNNDTVCVSQSGYTKGETPFVKDYLSPPKYG
RCQLKTDSGRIPTLPSGLIIPQAGTDS
;
A,C
2 'polypeptide(L)'
;IFGIDDLIFGLLFVGFVAGGVAGGYFWGRSNGGGGGASVSSTQAGFDKIGKDIQQLRNDTNAAIEGFNGRIAHDEQAIKN
LAKEIEDARAEALVGELGIIRSLIVANISMNLKESLYELANQITKRGGGIAQEAGPGCWYVDSENCDASCKEYIFNFNGS
ATVPTL
;
B,D
#
loop_
_chem_comp.id
_chem_comp.type
_chem_comp.name
_chem_comp.formula
BMA D-saccharide, beta linking beta-D-mannopyranose 'C6 H12 O6'
CAC non-polymer 'CACODYLATE ION' 'C2 H6 As O2 -1'
MAN D-saccharide, alpha linking alpha-D-mannopyranose 'C6 H12 O6'
NAG D-saccharide, beta linking 2-acetamido-2-deoxy-beta-D-glucopyranose 'C8 H15 N O6'
#
# COMPACT_ATOMS: atom_id res chain seq x y z
N GLU A 1 -28.17 -57.00 -27.06
CA GLU A 1 -27.90 -56.10 -25.95
C GLU A 1 -27.34 -54.74 -26.41
N LEU A 2 -27.83 -53.67 -25.81
CA LEU A 2 -27.36 -52.32 -26.09
C LEU A 2 -26.26 -51.92 -25.10
N ILE A 3 -25.08 -51.64 -25.63
CA ILE A 3 -23.96 -51.19 -24.81
C ILE A 3 -23.59 -49.74 -25.13
N CYS A 4 -23.56 -48.89 -24.11
CA CYS A 4 -23.36 -47.46 -24.33
C CYS A 4 -22.34 -46.87 -23.36
N ILE A 5 -21.52 -45.97 -23.89
CA ILE A 5 -20.77 -45.04 -23.04
C ILE A 5 -21.80 -44.07 -22.45
N VAL A 6 -21.81 -43.88 -21.14
CA VAL A 6 -22.80 -42.97 -20.57
C VAL A 6 -22.15 -41.73 -19.96
N GLN A 7 -22.69 -40.58 -20.35
CA GLN A 7 -22.18 -39.27 -19.93
C GLN A 7 -23.03 -38.70 -18.79
N ARG A 8 -22.45 -38.47 -17.63
CA ARG A 8 -23.26 -37.86 -16.56
C ARG A 8 -22.52 -36.89 -15.66
N VAL A 9 -23.28 -35.93 -15.11
CA VAL A 9 -22.72 -34.91 -14.24
C VAL A 9 -23.39 -34.88 -12.86
N ASN A 10 -22.64 -34.35 -11.90
CA ASN A 10 -23.06 -34.17 -10.52
C ASN A 10 -23.61 -32.77 -10.23
N GLU A 11 -24.05 -32.56 -9.00
CA GLU A 11 -24.41 -31.22 -8.53
C GLU A 11 -23.15 -30.36 -8.45
N SER A 12 -22.01 -31.02 -8.42
CA SER A 12 -20.71 -30.35 -8.36
C SER A 12 -20.29 -29.79 -9.71
N PHE A 13 -20.90 -30.30 -10.78
CA PHE A 13 -20.60 -29.84 -12.12
C PHE A 13 -21.43 -28.61 -12.46
N SER A 14 -20.76 -27.59 -13.00
CA SER A 14 -21.46 -26.42 -13.50
C SER A 14 -21.25 -26.30 -15.01
N LEU A 15 -22.18 -25.62 -15.67
CA LEU A 15 -22.20 -25.53 -17.12
C LEU A 15 -21.56 -24.23 -17.64
N HIS A 16 -20.67 -24.37 -18.63
CA HIS A 16 -20.03 -23.23 -19.27
C HIS A 16 -20.44 -23.17 -20.73
N SER A 17 -20.86 -22.00 -21.17
CA SER A 17 -21.42 -21.88 -22.51
C SER A 17 -20.35 -21.50 -23.52
N GLY A 18 -20.50 -21.99 -24.75
CA GLY A 18 -19.59 -21.62 -25.82
C GLY A 18 -20.39 -21.35 -27.08
N PHE A 19 -19.75 -20.72 -28.05
CA PHE A 19 -20.36 -20.54 -29.37
C PHE A 19 -20.06 -21.77 -30.22
N GLY A 20 -20.94 -22.76 -30.20
CA GLY A 20 -20.71 -24.00 -30.92
C GLY A 20 -20.35 -25.17 -30.01
N GLY A 21 -20.80 -25.13 -28.77
CA GLY A 21 -20.57 -26.21 -27.84
C GLY A 21 -20.42 -25.71 -26.41
N ASN A 22 -21.04 -26.42 -25.46
CA ASN A 22 -20.89 -26.11 -24.06
C ASN A 22 -20.01 -27.15 -23.37
N VAL A 23 -19.59 -26.84 -22.15
CA VAL A 23 -18.72 -27.72 -21.37
C VAL A 23 -19.19 -27.83 -19.91
N TYR A 24 -19.31 -29.05 -19.40
CA TYR A 24 -19.51 -29.27 -17.96
C TYR A 24 -18.17 -29.48 -17.26
N SER A 25 -17.95 -28.79 -16.13
CA SER A 25 -16.75 -29.01 -15.32
C SER A 25 -17.03 -28.78 -13.83
N MET A 26 -16.09 -29.20 -13.00
CA MET A 26 -16.20 -29.02 -11.56
C MET A 26 -15.36 -27.84 -11.10
N LYS A 27 -14.20 -27.67 -11.75
CA LYS A 27 -13.30 -26.58 -11.42
C LYS A 27 -13.22 -25.55 -12.55
N THR A 28 -12.83 -24.34 -12.20
CA THR A 28 -12.55 -23.29 -13.16
C THR A 28 -11.24 -22.63 -12.80
N GLU A 29 -10.51 -22.14 -13.79
CA GLU A 29 -9.31 -21.34 -13.56
C GLU A 29 -9.50 -20.03 -14.30
N PRO A 30 -9.07 -18.91 -13.69
CA PRO A 30 -9.22 -17.63 -14.40
C PRO A 30 -8.38 -17.60 -15.68
N MET A 31 -8.87 -16.91 -16.69
CA MET A 31 -8.22 -16.92 -18.00
C MET A 31 -6.91 -16.13 -18.01
N THR A 32 -6.82 -15.11 -17.15
CA THR A 32 -5.63 -14.28 -17.02
C THR A 32 -5.71 -13.50 -15.72
N GLY A 33 -4.77 -12.58 -15.51
CA GLY A 33 -4.65 -11.95 -14.20
C GLY A 33 -3.98 -10.59 -14.22
N PHE A 34 -3.53 -10.15 -13.05
CA PHE A 34 -2.94 -8.83 -12.91
C PHE A 34 -1.43 -8.84 -13.07
N THR A 35 -0.90 -7.76 -13.62
CA THR A 35 0.54 -7.54 -13.68
C THR A 35 1.00 -6.71 -12.48
N ASN A 36 2.03 -7.18 -11.79
CA ASN A 36 2.59 -6.45 -10.65
C ASN A 36 3.01 -5.05 -11.06
N VAL A 37 2.98 -4.10 -10.12
CA VAL A 37 3.48 -2.76 -10.36
C VAL A 37 4.65 -2.42 -9.42
N THR A 38 5.80 -2.06 -10.01
CA THR A 38 6.97 -1.72 -9.20
C THR A 38 7.18 -0.22 -9.06
N LYS A 39 7.28 0.24 -7.81
CA LYS A 39 7.54 1.66 -7.54
C LYS A 39 8.90 2.10 -8.06
N GLY A 40 8.99 3.37 -8.44
CA GLY A 40 10.26 3.93 -8.84
C GLY A 40 10.31 4.33 -10.30
N ALA A 41 11.53 4.47 -10.81
CA ALA A 41 11.76 4.99 -12.15
C ALA A 41 12.22 3.90 -13.12
N SER A 42 11.89 4.08 -14.39
CA SER A 42 12.35 3.12 -15.39
C SER A 42 12.18 3.73 -16.77
N VAL A 43 12.44 2.95 -17.81
CA VAL A 43 12.28 3.42 -19.18
C VAL A 43 11.72 2.30 -20.06
N ILE A 44 10.97 2.66 -21.08
CA ILE A 44 10.40 1.66 -21.97
C ILE A 44 11.31 1.40 -23.16
N ASN A 45 12.30 2.27 -23.36
CA ASN A 45 13.25 2.14 -24.46
C ASN A 45 14.67 2.56 -24.05
N GLN A 46 15.51 1.56 -23.76
CA GLN A 46 16.87 1.78 -23.29
C GLN A 46 17.76 2.54 -24.27
N LYS A 47 17.37 2.56 -25.54
CA LYS A 47 18.16 3.22 -26.57
C LYS A 47 17.76 4.68 -26.82
N ASP A 48 16.79 5.21 -26.07
CA ASP A 48 16.40 6.60 -26.27
C ASP A 48 15.99 7.30 -24.97
N TRP A 49 16.93 7.38 -24.02
CA TRP A 49 16.67 8.15 -22.81
C TRP A 49 17.93 8.84 -22.32
N ILE A 50 17.72 9.90 -21.55
CA ILE A 50 18.81 10.70 -21.03
C ILE A 50 18.55 11.05 -19.57
N GLY A 51 19.58 10.95 -18.74
CA GLY A 51 19.48 11.37 -17.36
C GLY A 51 20.31 12.61 -17.12
N PHE A 52 19.83 13.48 -16.23
CA PHE A 52 20.58 14.65 -15.77
C PHE A 52 20.69 14.59 -14.26
N GLY A 53 21.90 14.71 -13.71
CA GLY A 53 22.11 14.40 -12.31
C GLY A 53 23.25 15.14 -11.64
N ASP A 54 23.62 14.67 -10.45
CA ASP A 54 24.74 15.26 -9.71
C ASP A 54 25.71 14.16 -9.23
N SER A 55 26.29 14.33 -8.04
CA SER A 55 27.26 13.35 -7.54
C SER A 55 26.67 11.94 -7.41
N ARG A 56 25.36 11.89 -7.15
CA ARG A 56 24.68 10.62 -6.87
C ARG A 56 24.49 9.78 -8.14
N THR A 57 24.89 10.33 -9.29
CA THR A 57 24.94 9.58 -10.54
C THR A 57 26.23 9.88 -11.31
N ASP A 58 27.21 10.42 -10.60
CA ASP A 58 28.50 10.79 -11.22
C ASP A 58 29.52 9.66 -11.07
N LEU A 59 29.80 8.95 -12.16
CA LEU A 59 30.76 7.85 -12.11
C LEU A 59 32.22 8.32 -11.96
N THR A 60 32.49 9.61 -12.15
CA THR A 60 33.84 10.12 -11.94
C THR A 60 34.12 10.50 -10.47
N ASN A 61 33.12 10.36 -9.60
CA ASN A 61 33.28 10.61 -8.18
C ASN A 61 34.30 9.65 -7.59
N ASP A 62 35.18 10.14 -6.72
CA ASP A 62 36.24 9.32 -6.14
C ASP A 62 35.71 8.15 -5.31
N GLN A 63 34.48 8.28 -4.79
CA GLN A 63 33.92 7.24 -3.94
C GLN A 63 32.96 6.32 -4.69
N PHE A 64 32.89 6.45 -6.00
CA PHE A 64 32.06 5.58 -6.83
C PHE A 64 32.54 4.14 -6.71
N PRO A 65 31.61 3.17 -6.63
CA PRO A 65 30.14 3.27 -6.70
C PRO A 65 29.42 3.57 -5.37
N ALA A 66 30.13 3.54 -4.24
CA ALA A 66 29.48 3.69 -2.93
C ALA A 66 28.78 5.04 -2.76
N SER A 67 29.19 6.02 -3.56
CA SER A 67 28.60 7.34 -3.49
C SER A 67 27.42 7.50 -4.44
N SER A 68 27.08 6.42 -5.15
CA SER A 68 26.13 6.46 -6.27
C SER A 68 24.80 5.74 -6.00
N ASP A 69 23.71 6.30 -6.51
CA ASP A 69 22.39 5.66 -6.38
C ASP A 69 22.07 4.83 -7.61
N VAL A 70 23.01 4.75 -8.56
CA VAL A 70 22.87 3.88 -9.74
C VAL A 70 24.18 3.16 -10.06
N PRO A 71 24.08 1.95 -10.64
CA PRO A 71 25.30 1.22 -10.99
C PRO A 71 26.00 1.84 -12.21
N LEU A 72 27.15 1.31 -12.60
CA LEU A 72 27.96 1.87 -13.70
C LEU A 72 27.19 2.05 -15.00
N ALA A 73 26.43 1.02 -15.40
CA ALA A 73 25.78 1.03 -16.71
C ALA A 73 24.71 2.12 -16.83
N VAL A 74 23.99 2.37 -15.74
CA VAL A 74 23.02 3.45 -15.73
C VAL A 74 23.71 4.80 -15.65
N ALA A 75 24.77 4.89 -14.83
CA ALA A 75 25.52 6.12 -14.67
C ALA A 75 26.04 6.66 -16.01
N LYS A 76 26.45 5.77 -16.90
CA LYS A 76 26.96 6.20 -18.22
C LYS A 76 25.90 6.92 -19.03
N LYS A 77 24.64 6.72 -18.68
CA LYS A 77 23.52 7.32 -19.38
C LYS A 77 23.12 8.68 -18.79
N PHE A 78 23.77 9.07 -17.69
CA PHE A 78 23.51 10.36 -17.06
C PHE A 78 24.54 11.41 -17.50
N ARG A 79 24.08 12.64 -17.63
CA ARG A 79 24.99 13.78 -17.72
C ARG A 79 25.00 14.39 -16.33
N SER A 80 26.06 14.10 -15.57
CA SER A 80 26.16 14.49 -14.17
C SER A 80 27.54 14.99 -13.78
N LEU A 81 27.59 15.88 -12.79
CA LEU A 81 28.84 16.25 -12.16
C LEU A 81 28.57 16.51 -10.69
N SER A 82 29.46 16.03 -9.83
CA SER A 82 29.39 16.28 -8.39
C SER A 82 29.26 17.77 -8.09
N GLY A 83 28.27 18.13 -7.27
CA GLY A 83 28.06 19.53 -6.89
C GLY A 83 27.15 20.33 -7.81
N ALA A 84 26.80 19.78 -8.96
CA ALA A 84 26.03 20.50 -9.98
C ALA A 84 24.52 20.49 -9.72
N SER A 85 23.81 21.41 -10.37
CA SER A 85 22.35 21.38 -10.45
C SER A 85 21.89 22.30 -11.58
N LEU A 86 20.75 21.97 -12.21
CA LEU A 86 20.20 22.82 -13.27
C LEU A 86 20.17 24.28 -12.85
N MET A 87 19.64 24.53 -11.65
CA MET A 87 19.48 25.90 -11.15
C MET A 87 20.82 26.58 -10.90
N LEU A 88 21.77 25.86 -10.32
CA LEU A 88 23.12 26.40 -10.13
C LEU A 88 23.72 26.87 -11.46
N SER A 89 23.52 26.07 -12.51
CA SER A 89 24.05 26.47 -13.82
C SER A 89 23.23 27.60 -14.41
N ALA A 90 21.97 27.72 -13.99
CA ALA A 90 21.10 28.77 -14.51
C ALA A 90 21.60 30.16 -14.12
N PHE A 91 22.01 30.31 -12.86
CA PHE A 91 22.40 31.60 -12.31
C PHE A 91 23.91 31.75 -12.23
N GLY A 92 24.60 30.64 -11.97
CA GLY A 92 26.03 30.66 -11.77
C GLY A 92 26.44 31.50 -10.56
N PRO A 93 26.03 31.09 -9.35
CA PRO A 93 26.48 31.85 -8.18
C PRO A 93 27.96 31.55 -7.89
N PRO A 94 28.68 32.50 -7.28
CA PRO A 94 30.13 32.42 -7.07
C PRO A 94 30.58 31.14 -6.35
N GLY A 95 31.64 30.51 -6.86
CA GLY A 95 32.23 29.37 -6.19
C GLY A 95 31.47 28.06 -6.27
N LYS A 96 30.29 28.06 -6.89
CA LYS A 96 29.51 26.83 -7.03
C LYS A 96 29.87 26.17 -8.37
N VAL A 97 29.77 24.85 -8.45
CA VAL A 97 30.17 24.19 -9.67
C VAL A 97 29.12 24.50 -10.75
N ASP A 98 29.64 24.77 -11.95
CA ASP A 98 28.89 25.33 -13.06
C ASP A 98 28.93 24.36 -14.23
N TYR A 99 28.08 23.33 -14.18
CA TYR A 99 28.12 22.26 -15.18
C TYR A 99 27.23 22.57 -16.39
N LEU A 100 27.76 22.31 -17.58
CA LEU A 100 26.99 22.45 -18.81
C LEU A 100 26.13 21.22 -19.09
N TYR A 101 24.90 21.22 -18.57
CA TYR A 101 23.98 20.12 -18.82
C TYR A 101 23.54 20.13 -20.27
N GLN A 102 23.68 19.00 -20.97
CA GLN A 102 23.13 18.91 -22.32
C GLN A 102 22.96 17.48 -22.77
N GLY A 103 21.94 17.23 -23.57
CA GLY A 103 21.68 15.89 -24.04
C GLY A 103 20.33 15.72 -24.73
N CYS A 104 20.11 14.52 -25.23
CA CYS A 104 18.92 14.17 -25.99
C CYS A 104 18.41 12.82 -25.55
N GLY A 105 17.09 12.70 -25.43
CA GLY A 105 16.44 11.45 -25.08
C GLY A 105 14.95 11.69 -24.95
N LYS A 106 14.16 10.85 -25.60
CA LYS A 106 12.71 11.02 -25.58
C LYS A 106 12.18 10.82 -24.15
N GLU A 107 12.80 9.90 -23.41
CA GLU A 107 12.52 9.73 -22.00
C GLU A 107 13.61 10.44 -21.21
N LYS A 108 13.21 11.24 -20.21
CA LYS A 108 14.16 12.05 -19.47
C LYS A 108 14.07 11.77 -17.97
N VAL A 109 15.23 11.65 -17.32
CA VAL A 109 15.25 11.48 -15.87
C VAL A 109 16.02 12.63 -15.24
N PHE A 110 15.34 13.37 -14.36
CA PHE A 110 15.95 14.50 -13.67
C PHE A 110 16.18 14.13 -12.21
N TYR A 111 17.45 14.02 -11.83
CA TYR A 111 17.81 13.70 -10.47
C TYR A 111 18.88 14.68 -9.94
N GLU A 112 18.51 15.96 -9.84
CA GLU A 112 19.20 16.90 -8.95
C GLU A 112 18.29 18.00 -8.49
N GLY A 113 18.93 19.04 -7.93
CA GLY A 113 18.24 20.17 -7.32
C GLY A 113 18.84 20.44 -5.96
N VAL A 114 19.24 19.38 -5.27
CA VAL A 114 19.67 19.47 -3.87
C VAL A 114 20.91 20.35 -3.66
N ASN A 115 21.76 20.53 -4.68
CA ASN A 115 22.97 21.32 -4.47
C ASN A 115 22.71 22.82 -4.42
N TRP A 116 21.48 23.21 -4.71
CA TRP A 116 21.01 24.53 -4.31
C TRP A 116 19.73 24.38 -3.48
N SER A 117 19.93 24.15 -2.17
CA SER A 117 18.86 24.11 -1.18
C SER A 117 19.18 25.20 -0.13
N PRO A 118 18.32 25.37 0.90
CA PRO A 118 18.69 26.34 1.95
C PRO A 118 20.06 26.09 2.57
N GLU A 119 20.46 24.82 2.65
CA GLU A 119 21.75 24.42 3.21
C GLU A 119 22.95 25.16 2.61
N ALA A 120 22.86 25.48 1.32
CA ALA A 120 23.97 26.10 0.60
C ALA A 120 24.17 27.57 1.00
N GLY A 121 23.18 28.15 1.65
CA GLY A 121 23.27 29.51 2.17
C GLY A 121 23.61 30.58 1.15
N ILE A 122 23.17 30.41 -0.09
CA ILE A 122 23.35 31.44 -1.09
C ILE A 122 22.39 32.58 -0.79
N ASP A 123 22.90 33.80 -0.77
CA ASP A 123 22.09 34.98 -0.48
C ASP A 123 21.88 35.81 -1.76
N CYS A 124 22.85 36.69 -2.05
CA CYS A 124 22.82 37.52 -3.25
C CYS A 124 21.51 38.32 -3.41
N PHE A 125 21.00 38.87 -2.31
CA PHE A 125 19.75 39.64 -2.31
C PHE A 125 18.50 38.83 -2.69
N GLY A 126 18.61 37.50 -2.73
CA GLY A 126 17.48 36.67 -3.09
C GLY A 126 16.29 36.87 -2.17
N SER A 127 15.13 37.14 -2.75
CA SER A 127 13.92 37.31 -1.96
C SER A 127 13.53 36.00 -1.30
N ASN A 128 13.61 34.93 -2.09
CA ASN A 128 13.23 33.60 -1.64
C ASN A 128 13.64 32.60 -2.71
N TRP A 129 14.83 32.02 -2.55
CA TRP A 129 15.42 31.15 -3.57
C TRP A 129 14.63 29.86 -3.73
N THR A 130 14.00 29.40 -2.65
CA THR A 130 13.11 28.26 -2.71
C THR A 130 11.96 28.51 -3.69
N GLN A 131 11.31 29.67 -3.59
CA GLN A 131 10.25 30.07 -4.53
C GLN A 131 10.78 30.16 -5.97
N THR A 132 11.93 30.82 -6.12
CA THR A 132 12.62 30.91 -7.41
C THR A 132 12.90 29.51 -7.97
N LYS A 133 13.34 28.61 -7.09
CA LYS A 133 13.67 27.23 -7.43
C LYS A 133 12.46 26.51 -8.00
N LYS A 134 11.35 26.58 -7.28
CA LYS A 134 10.11 25.96 -7.70
C LYS A 134 9.64 26.48 -9.07
N ASP A 135 9.72 27.80 -9.25
CA ASP A 135 9.29 28.45 -10.48
C ASP A 135 10.22 28.07 -11.64
N PHE A 136 11.51 27.89 -11.33
CA PHE A 136 12.50 27.56 -12.35
C PHE A 136 12.31 26.15 -12.88
N TYR A 137 12.24 25.18 -11.98
CA TYR A 137 12.07 23.78 -12.34
C TYR A 137 10.68 23.54 -12.94
N SER A 138 9.69 24.32 -12.53
CA SER A 138 8.40 24.30 -13.21
C SER A 138 8.55 24.57 -14.71
N ARG A 139 9.32 25.60 -15.06
CA ARG A 139 9.48 25.99 -16.47
C ARG A 139 10.32 25.01 -17.26
N ILE A 140 11.34 24.46 -16.61
CA ILE A 140 12.18 23.41 -17.20
C ILE A 140 11.35 22.18 -17.56
N TYR A 141 10.57 21.71 -16.59
CA TYR A 141 9.79 20.49 -16.76
C TYR A 141 8.73 20.68 -17.84
N GLU A 142 8.11 21.86 -17.82
CA GLU A 142 7.10 22.23 -18.79
C GLU A 142 7.67 22.21 -20.22
N ALA A 143 8.85 22.79 -20.40
CA ALA A 143 9.48 22.82 -21.72
C ALA A 143 10.07 21.46 -22.11
N ALA A 144 10.59 20.73 -21.13
CA ALA A 144 11.20 19.43 -21.40
C ALA A 144 10.20 18.35 -21.83
N ARG A 145 8.95 18.44 -21.37
CA ARG A 145 7.99 17.40 -21.71
C ARG A 145 7.73 17.40 -23.22
N SER A 146 7.86 18.56 -23.86
CA SER A 146 7.60 18.69 -25.30
C SER A 146 8.87 18.71 -26.14
N SER A 147 10.00 18.46 -25.49
CA SER A 147 11.27 18.57 -26.18
C SER A 147 11.98 17.23 -26.25
N THR A 148 12.76 17.03 -27.31
CA THR A 148 13.64 15.87 -27.43
C THR A 148 14.96 16.10 -26.70
N CYS A 149 15.48 17.32 -26.81
CA CYS A 149 16.79 17.64 -26.25
C CYS A 149 16.74 18.82 -25.28
N MET A 150 17.86 19.07 -24.60
CA MET A 150 18.01 20.19 -23.70
C MET A 150 19.48 20.56 -23.61
N THR A 151 19.79 21.85 -23.63
CA THR A 151 21.15 22.27 -23.31
C THR A 151 21.16 23.58 -22.55
N LEU A 152 22.08 23.70 -21.60
CA LEU A 152 22.41 24.99 -21.06
C LEU A 152 22.93 25.88 -22.20
N VAL A 153 22.53 27.14 -22.18
CA VAL A 153 23.15 28.16 -23.01
C VAL A 153 23.90 29.07 -22.05
N ASN A 154 25.20 28.85 -21.93
CA ASN A 154 25.99 29.48 -20.87
C ASN A 154 26.36 30.95 -21.12
N SER A 155 26.01 31.47 -22.30
CA SER A 155 26.26 32.89 -22.57
C SER A 155 25.38 33.43 -23.70
N LEU A 156 24.48 34.34 -23.34
CA LEU A 156 23.66 35.08 -24.28
C LEU A 156 24.41 36.31 -24.81
N ASP A 157 24.21 36.66 -26.07
CA ASP A 157 24.75 37.91 -26.58
C ASP A 157 23.99 39.09 -25.94
N THR A 158 24.70 39.96 -25.25
CA THR A 158 24.07 41.08 -24.56
C THR A 158 24.72 42.41 -24.93
N LYS A 159 23.97 43.49 -24.68
CA LYS A 159 24.42 44.82 -25.05
C LYS A 159 23.72 45.87 -24.22
N ILE A 160 24.50 46.65 -23.48
CA ILE A 160 23.99 47.73 -22.64
C ILE A 160 24.27 49.06 -23.32
N SER A 161 23.28 49.94 -23.35
CA SER A 161 23.45 51.25 -23.98
C SER A 161 24.35 52.17 -23.14
N SER A 162 24.15 52.14 -21.82
CA SER A 162 24.86 53.03 -20.91
C SER A 162 26.37 52.88 -20.99
N THR A 163 27.07 54.02 -20.98
CA THR A 163 28.52 54.02 -21.12
C THR A 163 29.19 54.30 -19.77
N THR A 164 28.38 54.63 -18.76
CA THR A 164 28.91 54.94 -17.44
C THR A 164 28.61 53.87 -16.38
N ALA A 165 27.54 53.11 -16.60
CA ALA A 165 27.16 52.02 -15.69
C ALA A 165 28.25 50.96 -15.57
N THR A 166 28.46 50.44 -14.35
CA THR A 166 29.48 49.44 -14.10
C THR A 166 28.91 48.17 -13.43
N ALA A 167 29.69 47.09 -13.44
CA ALA A 167 29.20 45.77 -13.04
C ALA A 167 29.06 45.63 -11.52
N GLY A 168 27.83 45.37 -11.08
CA GLY A 168 27.53 45.31 -9.66
C GLY A 168 28.16 44.17 -8.88
N THR A 169 28.40 44.43 -7.59
CA THR A 169 29.05 43.48 -6.69
C THR A 169 28.41 43.61 -5.32
N ALA A 170 28.32 42.50 -4.58
CA ALA A 170 27.65 42.51 -3.28
C ALA A 170 28.38 41.68 -2.24
N SER A 171 28.44 42.18 -1.01
CA SER A 171 29.00 41.42 0.11
C SER A 171 28.17 40.15 0.35
N SER A 172 26.86 40.27 0.18
CA SER A 172 25.96 39.13 0.36
C SER A 172 26.12 38.09 -0.75
N CYS A 173 26.84 38.45 -1.80
CA CYS A 173 27.10 37.54 -2.90
C CYS A 173 28.61 37.32 -3.09
N SER A 174 29.27 36.87 -2.02
CA SER A 174 30.70 36.52 -2.04
C SER A 174 31.61 37.61 -2.60
N SER A 175 31.18 38.86 -2.47
CA SER A 175 31.90 40.01 -3.02
C SER A 175 32.09 39.93 -4.54
N SER A 176 31.21 39.16 -5.20
CA SER A 176 31.07 39.24 -6.65
C SER A 176 29.59 39.15 -7.01
N TRP A 177 29.27 38.45 -8.09
CA TRP A 177 27.90 38.38 -8.55
C TRP A 177 27.61 37.14 -9.41
N MET A 178 26.32 36.83 -9.57
CA MET A 178 25.87 35.76 -10.47
C MET A 178 26.49 35.83 -11.86
N LYS A 179 26.53 34.69 -12.55
CA LYS A 179 26.82 34.70 -13.97
C LYS A 179 25.61 35.26 -14.72
N SER A 180 24.44 35.10 -14.12
CA SER A 180 23.17 35.51 -14.70
C SER A 180 22.09 35.65 -13.62
N PRO A 181 21.41 36.81 -13.59
CA PRO A 181 21.53 37.95 -14.49
C PRO A 181 22.77 38.81 -14.23
N LEU A 182 23.18 39.58 -15.24
CA LEU A 182 24.21 40.59 -15.02
C LEU A 182 23.59 41.84 -14.40
N TRP A 183 24.32 42.40 -13.44
CA TRP A 183 23.87 43.54 -12.67
C TRP A 183 24.68 44.78 -13.03
N TYR A 184 24.05 45.76 -13.66
CA TYR A 184 24.71 47.02 -13.99
C TYR A 184 24.11 48.17 -13.19
N ALA A 185 24.98 48.94 -12.53
CA ALA A 185 24.51 50.04 -11.68
C ALA A 185 25.22 51.35 -12.01
N GLU A 186 24.47 52.44 -11.85
CA GLU A 186 24.96 53.78 -12.17
C GLU A 186 25.41 54.53 -10.92
N SER A 187 26.73 54.69 -10.77
CA SER A 187 27.34 55.34 -9.62
C SER A 187 26.80 56.76 -9.37
N SER A 188 26.48 57.45 -10.46
CA SER A 188 26.21 58.87 -10.42
C SER A 188 24.77 59.20 -10.06
N VAL A 189 23.90 58.19 -10.08
CA VAL A 189 22.49 58.42 -9.76
C VAL A 189 22.32 58.62 -8.26
N ASN A 190 22.01 59.85 -7.88
CA ASN A 190 21.84 60.19 -6.48
C ASN A 190 20.63 61.09 -6.30
N PRO A 191 19.61 60.61 -5.55
CA PRO A 191 18.36 61.37 -5.36
C PRO A 191 18.40 62.61 -4.46
N PRO A 195 20.25 64.91 -2.58
CA PRO A 195 21.21 65.55 -3.48
C PRO A 195 20.56 66.18 -4.70
N GLN A 196 20.86 65.74 -5.93
CA GLN A 196 20.25 66.34 -7.12
C GLN A 196 20.02 65.47 -8.38
N VAL A 197 20.76 64.39 -8.53
CA VAL A 197 20.98 63.74 -9.81
C VAL A 197 20.24 62.42 -10.04
N CYS A 198 19.33 62.42 -10.99
CA CYS A 198 18.44 61.28 -11.23
C CYS A 198 18.97 60.24 -12.23
N GLY A 199 19.75 60.69 -13.21
CA GLY A 199 20.35 59.79 -14.17
C GLY A 199 19.45 59.52 -15.36
N THR A 200 19.94 58.70 -16.28
CA THR A 200 19.22 58.39 -17.51
C THR A 200 18.72 56.95 -17.46
N GLU A 201 17.49 56.76 -17.95
CA GLU A 201 16.90 55.44 -18.07
C GLU A 201 17.85 54.47 -18.76
N GLN A 202 18.06 53.32 -18.14
CA GLN A 202 18.98 52.33 -18.68
C GLN A 202 18.28 51.41 -19.69
N SER A 203 19.04 51.00 -20.69
CA SER A 203 18.54 50.19 -21.79
C SER A 203 19.47 49.02 -22.06
N ALA A 204 18.91 47.94 -22.60
CA ALA A 204 19.70 46.75 -22.93
C ALA A 204 18.93 45.82 -23.86
N THR A 205 19.68 45.08 -24.66
CA THR A 205 19.09 44.00 -25.43
C THR A 205 19.73 42.70 -25.01
N PHE A 206 19.02 41.59 -25.22
CA PHE A 206 19.64 40.28 -25.13
C PHE A 206 18.99 39.37 -26.17
N THR A 207 19.77 38.41 -26.66
CA THR A 207 19.35 37.56 -27.76
C THR A 207 19.30 36.10 -27.33
N LEU A 208 18.15 35.47 -27.57
CA LEU A 208 18.01 34.04 -27.43
C LEU A 208 18.23 33.46 -28.82
N PRO A 209 19.23 32.59 -28.96
CA PRO A 209 19.63 32.09 -30.29
C PRO A 209 18.72 30.98 -30.83
N THR A 210 18.77 30.77 -32.15
CA THR A 210 17.97 29.73 -32.80
C THR A 210 18.64 28.36 -32.68
N SER A 211 19.85 28.34 -32.12
CA SER A 211 20.56 27.10 -31.91
C SER A 211 21.76 27.34 -31.02
N PHE A 212 22.24 26.25 -30.41
CA PHE A 212 23.41 26.29 -29.56
C PHE A 212 24.18 25.00 -29.77
N GLY A 213 25.35 25.11 -30.39
CA GLY A 213 26.06 23.93 -30.86
C GLY A 213 25.18 23.16 -31.80
N ILE A 214 25.07 21.85 -31.55
CA ILE A 214 24.24 20.95 -32.36
C ILE A 214 22.77 20.96 -31.98
N TYR A 215 22.38 21.75 -30.98
CA TYR A 215 21.02 21.73 -30.49
C TYR A 215 20.15 22.85 -31.07
N LYS A 216 19.07 22.45 -31.71
CA LYS A 216 18.04 23.37 -32.16
C LYS A 216 17.31 23.96 -30.94
N CYS A 217 17.11 25.28 -30.98
CA CYS A 217 16.33 25.95 -29.95
C CYS A 217 15.01 26.47 -30.52
N ASN A 218 13.89 25.92 -30.06
CA ASN A 218 12.58 26.47 -30.38
C ASN A 218 12.05 27.25 -29.18
N LYS A 219 12.58 26.93 -28.01
CA LYS A 219 12.13 27.52 -26.74
C LYS A 219 13.30 27.74 -25.79
N HIS A 220 13.24 28.84 -25.04
CA HIS A 220 14.23 29.14 -24.01
C HIS A 220 13.56 29.36 -22.66
N VAL A 221 14.07 28.70 -21.64
CA VAL A 221 13.72 29.05 -20.27
C VAL A 221 14.73 30.06 -19.78
N VAL A 222 14.26 31.27 -19.49
CA VAL A 222 15.13 32.33 -18.99
C VAL A 222 14.50 32.95 -17.74
N GLN A 223 15.30 33.67 -16.95
CA GLN A 223 14.76 34.43 -15.83
C GLN A 223 14.66 35.91 -16.18
N LEU A 224 13.49 36.49 -15.95
CA LEU A 224 13.29 37.92 -16.18
C LEU A 224 13.25 38.63 -14.83
N CYS A 225 14.44 38.88 -14.29
CA CYS A 225 14.59 39.34 -12.91
C CYS A 225 14.32 40.82 -12.75
N TYR A 226 14.11 41.21 -11.50
CA TYR A 226 13.89 42.61 -11.14
C TYR A 226 14.10 42.77 -9.63
N PHE A 227 14.30 44.00 -9.19
CA PHE A 227 14.41 44.29 -7.77
C PHE A 227 13.04 44.52 -7.16
N VAL A 228 12.88 44.13 -5.90
CA VAL A 228 11.63 44.32 -5.17
C VAL A 228 11.83 45.28 -4.00
N TYR A 229 11.09 46.38 -3.99
CA TYR A 229 11.18 47.37 -2.90
C TYR A 229 9.92 47.42 -2.05
N GLU A 230 10.11 47.74 -0.77
CA GLU A 230 9.01 47.84 0.19
C GLU A 230 7.97 48.91 -0.18
N ASN A 231 8.45 50.07 -0.65
CA ASN A 231 7.57 51.14 -1.10
C ASN A 231 8.34 52.18 -1.91
N LYS A 232 7.64 53.22 -2.35
CA LYS A 232 8.29 54.28 -3.13
C LYS A 232 9.30 55.04 -2.28
N ALA A 233 8.94 55.27 -1.02
CA ALA A 233 9.79 56.03 -0.10
C ALA A 233 11.15 55.35 0.12
N LYS A 234 11.13 54.04 0.34
CA LYS A 234 12.36 53.29 0.47
C LYS A 234 13.12 53.19 -0.86
N PHE A 235 12.39 53.20 -1.98
CA PHE A 235 13.05 53.17 -3.28
C PHE A 235 13.77 54.50 -3.53
N ASN A 236 13.13 55.59 -3.12
CA ASN A 236 13.64 56.94 -3.39
C ASN A 236 14.86 57.32 -2.57
N THR A 237 15.35 56.40 -1.74
CA THR A 237 16.64 56.60 -1.10
C THR A 237 17.73 56.04 -2.02
N PHE A 238 17.30 55.50 -3.16
CA PHE A 238 18.24 54.96 -4.14
C PHE A 238 18.07 55.61 -5.52
N GLY A 239 16.83 55.85 -5.93
CA GLY A 239 16.55 56.44 -7.23
C GLY A 239 15.38 57.41 -7.26
N CYS A 240 15.23 58.12 -8.38
CA CYS A 240 14.14 59.07 -8.54
C CYS A 240 12.99 58.48 -9.34
N GLY A 241 11.76 58.80 -8.95
CA GLY A 241 10.58 58.23 -9.58
C GLY A 241 10.12 56.96 -8.89
N ASP A 242 9.50 56.05 -9.65
CA ASP A 242 9.15 54.74 -9.13
C ASP A 242 10.11 53.69 -9.69
N TYR A 243 10.34 52.62 -8.95
CA TYR A 243 11.18 51.56 -9.51
C TYR A 243 10.49 50.92 -10.70
N TYR A 244 11.27 50.62 -11.73
CA TYR A 244 10.77 49.77 -12.80
C TYR A 244 11.90 49.08 -13.54
N GLN A 245 11.57 47.89 -14.04
CA GLN A 245 12.41 47.13 -14.92
C GLN A 245 11.51 46.29 -15.82
N ASN A 246 11.43 46.66 -17.10
CA ASN A 246 10.49 46.03 -18.01
C ASN A 246 11.18 45.31 -19.18
N TYR A 247 10.65 44.15 -19.52
CA TYR A 247 11.20 43.36 -20.61
C TYR A 247 10.25 43.39 -21.80
N TYR A 248 10.81 43.59 -23.00
CA TYR A 248 10.02 43.75 -24.21
C TYR A 248 10.50 42.80 -25.31
N ASP A 249 9.60 42.39 -26.19
CA ASP A 249 10.04 41.69 -27.39
C ASP A 249 10.46 42.72 -28.44
N GLY A 250 10.82 42.25 -29.63
CA GLY A 250 11.33 43.12 -30.66
C GLY A 250 10.35 44.18 -31.15
N ASN A 251 9.07 44.01 -30.83
CA ASN A 251 8.05 44.98 -31.26
C ASN A 251 7.68 45.96 -30.16
N GLY A 252 7.97 45.59 -28.92
CA GLY A 252 7.65 46.45 -27.79
C GLY A 252 6.52 45.92 -26.93
N ASN A 253 6.15 44.66 -27.13
CA ASN A 253 5.19 44.00 -26.23
C ASN A 253 5.85 43.68 -24.88
N LEU A 254 5.26 44.15 -23.80
CA LEU A 254 5.72 43.84 -22.45
C LEU A 254 5.58 42.33 -22.15
N ILE A 255 6.70 41.65 -21.89
CA ILE A 255 6.69 40.21 -21.66
C ILE A 255 7.14 39.81 -20.25
N GLY A 256 7.55 40.78 -19.44
CA GLY A 256 8.08 40.48 -18.11
C GLY A 256 8.62 41.69 -17.38
N GLY A 257 8.97 41.50 -16.11
CA GLY A 257 9.53 42.58 -15.32
C GLY A 257 8.68 42.99 -14.12
N MET A 258 9.00 44.16 -13.57
CA MET A 258 8.25 44.72 -12.45
C MET A 258 8.18 46.24 -12.62
N ASP A 259 6.96 46.76 -12.69
CA ASP A 259 6.77 48.18 -12.92
C ASP A 259 5.89 48.81 -11.84
N ASN A 260 6.55 49.51 -10.90
CA ASN A 260 5.83 50.07 -9.76
C ASN A 260 5.26 51.45 -10.03
N ARG A 261 5.26 51.85 -11.30
CA ARG A 261 4.53 53.04 -11.72
C ARG A 261 3.05 52.70 -11.88
N VAL A 262 2.75 51.42 -12.08
CA VAL A 262 1.37 50.98 -12.22
C VAL A 262 1.02 49.88 -11.21
N ALA A 263 2.02 49.12 -10.80
CA ALA A 263 1.79 48.03 -9.85
C ALA A 263 2.25 48.38 -8.45
N ALA A 264 1.43 48.04 -7.46
CA ALA A 264 1.78 48.22 -6.05
C ALA A 264 3.12 47.61 -5.67
N TYR A 265 3.89 48.32 -4.85
CA TYR A 265 5.07 47.74 -4.20
C TYR A 265 4.65 46.58 -3.29
N ARG A 266 5.46 45.53 -3.24
CA ARG A 266 5.13 44.37 -2.41
C ARG A 266 6.32 43.83 -1.64
N GLY A 267 7.33 44.67 -1.42
CA GLY A 267 8.51 44.25 -0.67
C GLY A 267 8.20 44.07 0.80
N ILE A 268 8.66 42.97 1.38
CA ILE A 268 8.47 42.72 2.80
C ILE A 268 9.11 43.83 3.62
N ALA A 269 8.36 44.35 4.60
CA ALA A 269 8.75 45.55 5.34
C ALA A 269 10.07 45.39 6.10
N ASN A 270 10.95 46.39 5.93
CA ASN A 270 12.26 46.45 6.57
C ASN A 270 13.20 45.30 6.19
N ALA A 271 12.88 44.60 5.12
CA ALA A 271 13.76 43.57 4.59
C ALA A 271 14.88 44.21 3.78
N GLY A 272 14.59 45.36 3.18
CA GLY A 272 15.53 46.00 2.29
C GLY A 272 15.27 45.57 0.85
N VAL A 273 16.21 45.87 -0.04
CA VAL A 273 16.04 45.48 -1.43
C VAL A 273 16.17 43.97 -1.59
N LYS A 274 15.34 43.41 -2.46
CA LYS A 274 15.41 41.99 -2.79
C LYS A 274 15.32 41.82 -4.29
N ILE A 275 15.83 40.69 -4.79
CA ILE A 275 15.70 40.39 -6.20
C ILE A 275 14.75 39.21 -6.37
N GLU A 276 13.83 39.32 -7.33
CA GLU A 276 13.00 38.18 -7.72
C GLU A 276 13.42 37.73 -9.11
N CYS A 277 13.30 36.43 -9.37
CA CYS A 277 13.76 35.86 -10.62
C CYS A 277 12.82 34.78 -11.18
N PRO A 278 11.61 35.18 -11.58
CA PRO A 278 10.69 34.24 -12.25
C PRO A 278 11.23 33.78 -13.60
N SER A 279 11.01 32.51 -13.92
CA SER A 279 11.43 31.97 -15.20
C SER A 279 10.29 32.07 -16.22
N LYS A 280 10.63 32.41 -17.46
CA LYS A 280 9.64 32.42 -18.53
C LYS A 280 10.14 31.61 -19.72
N ILE A 281 9.20 31.02 -20.46
CA ILE A 281 9.53 30.32 -21.70
C ILE A 281 9.33 31.28 -22.87
N LEU A 282 10.42 31.52 -23.60
CA LEU A 282 10.43 32.52 -24.65
C LEU A 282 10.89 31.93 -25.97
N ASN A 283 10.37 32.48 -27.07
CA ASN A 283 10.83 32.12 -28.41
C ASN A 283 12.19 32.74 -28.68
N PRO A 284 12.95 32.17 -29.63
CA PRO A 284 14.23 32.80 -29.96
C PRO A 284 13.98 34.17 -30.57
N GLY A 285 14.87 35.13 -30.31
CA GLY A 285 14.73 36.46 -30.84
C GLY A 285 15.60 37.44 -30.06
N THR A 286 15.50 38.71 -30.39
CA THR A 286 16.23 39.74 -29.66
C THR A 286 15.22 40.50 -28.82
N TYR A 287 15.49 40.61 -27.53
CA TYR A 287 14.57 41.25 -26.60
C TYR A 287 15.18 42.53 -26.06
N SER A 288 14.33 43.43 -25.55
CA SER A 288 14.77 44.74 -25.09
C SER A 288 14.45 44.96 -23.61
N ILE A 289 15.23 45.81 -22.96
CA ILE A 289 15.03 46.13 -21.54
C ILE A 289 15.05 47.63 -21.31
N LYS A 290 14.13 48.10 -20.47
CA LYS A 290 14.14 49.47 -19.97
C LYS A 290 14.06 49.42 -18.45
N SER A 291 14.96 50.13 -17.79
CA SER A 291 15.01 50.13 -16.33
C SER A 291 15.17 51.53 -15.75
N THR A 292 14.81 51.67 -14.47
CA THR A 292 15.14 52.86 -13.72
C THR A 292 16.66 53.03 -13.79
N PRO A 293 17.13 54.29 -13.86
CA PRO A 293 18.54 54.63 -14.09
C PRO A 293 19.55 53.89 -13.20
N ARG A 294 19.25 53.78 -11.91
CA ARG A 294 20.22 53.26 -10.95
C ARG A 294 20.55 51.78 -11.15
N PHE A 295 19.54 50.94 -11.39
CA PHE A 295 19.75 49.49 -11.43
C PHE A 295 19.18 48.81 -12.66
N LEU A 296 20.05 48.10 -13.38
CA LEU A 296 19.65 47.32 -14.55
C LEU A 296 20.06 45.86 -14.40
N LEU A 297 19.13 44.96 -14.71
CA LEU A 297 19.42 43.52 -14.67
C LEU A 297 19.24 42.91 -16.05
N VAL A 298 20.19 42.09 -16.48
CA VAL A 298 20.17 41.56 -17.85
C VAL A 298 20.44 40.06 -17.84
N PRO A 299 19.54 39.28 -18.43
CA PRO A 299 19.68 37.82 -18.51
C PRO A 299 20.89 37.43 -19.34
N LYS A 300 21.69 36.48 -18.85
CA LYS A 300 22.93 36.14 -19.50
C LYS A 300 22.99 34.66 -19.87
N ARG A 301 22.01 33.89 -19.38
CA ARG A 301 21.94 32.46 -19.68
C ARG A 301 20.51 32.03 -19.99
N SER A 302 20.37 30.86 -20.60
CA SER A 302 19.08 30.23 -20.76
C SER A 302 19.22 28.72 -20.81
N TYR A 303 18.09 28.03 -20.92
CA TYR A 303 18.10 26.61 -21.30
C TYR A 303 17.37 26.47 -22.62
N CYS A 304 18.03 25.81 -23.56
CA CYS A 304 17.52 25.68 -24.92
C CYS A 304 16.78 24.37 -25.08
N PHE A 305 15.56 24.45 -25.62
CA PHE A 305 14.73 23.30 -25.89
C PHE A 305 14.24 23.30 -27.33
N ASP A 306 13.97 22.12 -27.87
CA ASP A 306 13.30 22.03 -29.14
C ASP A 306 11.82 21.71 -28.93
N THR A 307 11.06 21.60 -30.02
CA THR A 307 9.65 21.22 -29.93
C THR A 307 9.37 19.99 -30.79
N ASP A 308 10.34 19.07 -30.83
CA ASP A 308 10.23 17.86 -31.62
C ASP A 308 9.52 16.74 -30.86
N GLY A 309 9.11 17.03 -29.64
CA GLY A 309 8.36 16.07 -28.87
C GLY A 309 9.20 15.29 -27.88
N GLY A 310 8.55 14.85 -26.81
CA GLY A 310 9.15 13.99 -25.83
C GLY A 310 8.06 13.20 -25.13
N TYR A 311 8.46 12.36 -24.19
CA TYR A 311 7.52 11.65 -23.35
C TYR A 311 7.37 12.42 -22.03
N PRO A 312 6.33 12.09 -21.25
CA PRO A 312 6.34 12.62 -19.87
C PRO A 312 7.66 12.33 -19.15
N ILE A 313 8.12 13.28 -18.35
CA ILE A 313 9.44 13.16 -17.74
C ILE A 313 9.36 12.52 -16.36
N GLN A 314 10.52 12.08 -15.86
CA GLN A 314 10.62 11.56 -14.50
C GLN A 314 11.53 12.47 -13.68
N VAL A 315 10.99 12.98 -12.56
CA VAL A 315 11.78 13.78 -11.64
C VAL A 315 11.96 13.02 -10.33
N VAL A 316 13.21 12.93 -9.90
CA VAL A 316 13.57 12.18 -8.71
C VAL A 316 13.81 13.15 -7.54
N GLN A 317 13.19 12.85 -6.40
CA GLN A 317 13.34 13.65 -5.19
C GLN A 317 14.82 13.90 -4.91
N SER A 318 15.18 15.17 -4.75
CA SER A 318 16.58 15.53 -4.57
C SER A 318 16.73 16.30 -3.26
N GLU A 319 16.99 15.57 -2.19
CA GLU A 319 17.16 16.15 -0.86
C GLU A 319 18.38 15.58 -0.17
N TRP A 320 18.84 16.28 0.86
CA TRP A 320 19.94 15.82 1.71
C TRP A 320 19.49 14.79 2.74
N SER A 321 20.45 14.20 3.44
CA SER A 321 20.17 13.43 4.65
C SER A 321 19.58 14.37 5.68
N ALA A 322 19.04 13.81 6.77
CA ALA A 322 18.29 14.60 7.76
C ALA A 322 19.14 15.70 8.40
N SER A 323 20.46 15.51 8.41
CA SER A 323 21.38 16.44 9.05
C SER A 323 21.43 17.83 8.39
N ARG A 324 21.08 17.91 7.10
CA ARG A 324 21.14 19.18 6.38
C ARG A 324 19.74 19.76 6.10
N ARG A 325 19.71 20.99 5.61
CA ARG A 325 18.43 21.66 5.32
C ARG A 325 18.01 21.54 3.86
N SER A 326 16.93 20.79 3.64
CA SER A 326 16.44 20.51 2.29
C SER A 326 15.21 21.34 1.97
N ASP A 327 14.72 21.18 0.75
CA ASP A 327 13.43 21.75 0.35
C ASP A 327 12.70 20.73 -0.53
N ASN A 328 11.43 20.98 -0.81
CA ASN A 328 10.70 20.09 -1.70
C ASN A 328 10.17 20.88 -2.90
N ALA A 329 10.96 21.86 -3.32
CA ALA A 329 10.64 22.70 -4.47
C ALA A 329 10.49 21.93 -5.78
N THR A 330 11.32 20.92 -6.01
CA THR A 330 11.23 20.16 -7.26
C THR A 330 10.01 19.21 -7.22
N GLU A 331 9.66 18.75 -6.02
CA GLU A 331 8.41 17.98 -5.84
C GLU A 331 7.19 18.83 -6.22
N GLU A 332 7.14 20.04 -5.69
CA GLU A 332 5.97 20.88 -5.93
C GLU A 332 5.94 21.38 -7.37
N ALA A 333 7.11 21.64 -7.95
CA ALA A 333 7.21 22.02 -9.35
C ALA A 333 6.68 20.88 -10.22
N CYS A 334 7.04 19.66 -9.85
CA CYS A 334 6.64 18.49 -10.63
C CYS A 334 5.13 18.27 -10.52
N LEU A 335 4.63 18.41 -9.30
CA LEU A 335 3.21 18.19 -9.00
C LEU A 335 2.28 19.11 -9.80
N GLN A 336 2.70 20.36 -9.97
CA GLN A 336 1.87 21.33 -10.67
C GLN A 336 2.11 21.37 -12.18
N THR A 337 2.96 20.49 -12.68
CA THR A 337 3.31 20.52 -14.10
C THR A 337 2.84 19.26 -14.82
N GLU A 338 2.07 19.45 -15.90
CA GLU A 338 1.61 18.36 -16.76
C GLU A 338 2.76 17.53 -17.32
N GLY A 339 2.59 16.22 -17.34
CA GLY A 339 3.56 15.35 -17.98
C GLY A 339 4.78 15.07 -17.14
N CYS A 340 4.71 15.40 -15.86
CA CYS A 340 5.84 15.16 -14.96
C CYS A 340 5.50 14.09 -13.91
N ILE A 341 6.36 13.07 -13.83
CA ILE A 341 6.20 11.99 -12.88
C ILE A 341 7.25 12.07 -11.76
N PHE A 342 6.80 12.09 -10.51
CA PHE A 342 7.71 12.28 -9.38
C PHE A 342 8.04 11.01 -8.61
N ILE A 343 9.33 10.72 -8.44
CA ILE A 343 9.79 9.57 -7.67
C ILE A 343 10.23 10.06 -6.28
N LYS A 344 9.57 9.54 -5.26
CA LYS A 344 9.75 10.00 -3.87
C LYS A 344 10.06 8.85 -2.93
N LYS A 345 11.11 9.01 -2.12
CA LYS A 345 11.45 8.06 -1.05
C LYS A 345 10.45 8.10 0.11
N THR A 346 10.36 7.00 0.87
CA THR A 346 9.48 6.95 2.03
C THR A 346 10.27 6.92 3.36
N THR A 347 11.59 6.86 3.26
CA THR A 347 12.45 6.83 4.44
C THR A 347 13.59 7.85 4.24
N PRO A 348 14.35 8.17 5.31
CA PRO A 348 15.36 9.22 5.12
C PRO A 348 16.50 8.84 4.20
N TYR A 349 17.17 9.84 3.64
CA TYR A 349 18.36 9.59 2.86
C TYR A 349 19.52 9.24 3.79
N VAL A 350 20.00 8.00 3.68
CA VAL A 350 21.14 7.54 4.46
C VAL A 350 22.15 6.89 3.52
N GLY A 351 23.30 7.55 3.33
CA GLY A 351 24.23 7.14 2.29
C GLY A 351 25.25 6.09 2.69
N GLU A 352 25.91 5.51 1.70
CA GLU A 352 26.95 4.50 1.95
C GLU A 352 28.35 5.11 1.98
N ALA A 353 28.63 6.06 1.10
CA ALA A 353 29.93 6.71 1.09
C ALA A 353 30.00 7.78 2.20
N ASP A 354 29.10 8.76 2.14
CA ASP A 354 28.87 9.74 3.21
C ASP A 354 27.44 9.61 3.74
N ASP A 355 27.02 10.55 4.57
CA ASP A 355 25.60 10.72 4.94
C ASP A 355 24.70 10.91 3.71
N ASN A 356 25.20 11.65 2.73
CA ASN A 356 24.36 12.12 1.64
C ASN A 356 24.57 11.43 0.29
N HIS A 357 25.16 10.24 0.29
CA HIS A 357 25.49 9.57 -0.98
C HIS A 357 25.43 8.05 -0.89
N GLY A 358 24.54 7.46 -1.70
CA GLY A 358 24.47 6.02 -1.83
C GLY A 358 23.47 5.42 -0.88
N ASP A 359 22.19 5.72 -1.13
CA ASP A 359 21.05 5.37 -0.29
C ASP A 359 20.39 4.09 -0.80
N ILE A 360 20.08 3.17 0.10
CA ILE A 360 19.57 1.85 -0.29
C ILE A 360 18.18 1.93 -0.93
N GLU A 361 17.30 2.75 -0.36
CA GLU A 361 15.97 2.88 -0.94
C GLU A 361 16.04 3.53 -2.32
N MET A 362 16.86 4.56 -2.45
CA MET A 362 16.93 5.26 -3.73
C MET A 362 17.51 4.32 -4.78
N ARG A 363 18.41 3.44 -4.38
CA ARG A 363 19.00 2.53 -5.36
C ARG A 363 17.92 1.55 -5.83
N GLN A 364 17.04 1.15 -4.92
CA GLN A 364 15.93 0.28 -5.28
C GLN A 364 14.96 0.99 -6.23
N LEU A 365 14.58 2.22 -5.88
CA LEU A 365 13.66 3.02 -6.69
C LEU A 365 14.21 3.34 -8.07
N LEU A 366 15.54 3.47 -8.18
CA LEU A 366 16.16 3.81 -9.46
C LEU A 366 16.64 2.58 -10.24
N SER A 367 16.59 1.40 -9.62
CA SER A 367 17.13 0.19 -10.25
C SER A 367 16.45 -0.14 -11.57
N GLY A 368 15.22 0.32 -11.76
CA GLY A 368 14.49 0.08 -13.00
C GLY A 368 15.06 0.74 -14.25
N LEU A 369 16.08 1.61 -14.08
CA LEU A 369 16.58 2.42 -15.18
C LEU A 369 17.57 1.89 -16.26
N GLY A 370 18.16 0.70 -16.22
CA GLY A 370 17.89 -0.40 -15.33
C GLY A 370 17.54 -1.58 -16.23
N ASN A 371 16.25 -1.80 -16.39
CA ASN A 371 15.74 -2.99 -17.03
C ASN A 371 15.50 -2.83 -18.50
N ASN A 372 15.37 -3.96 -19.19
CA ASN A 372 15.19 -3.95 -20.63
C ASN A 372 13.78 -4.41 -21.02
N ASP A 373 12.94 -4.71 -20.03
CA ASP A 373 11.60 -5.20 -20.32
C ASP A 373 10.48 -4.39 -19.66
N THR A 374 10.74 -3.12 -19.34
CA THR A 374 9.68 -2.22 -18.91
C THR A 374 8.84 -1.78 -20.11
N VAL A 375 7.51 -1.92 -20.02
CA VAL A 375 6.65 -1.48 -21.14
C VAL A 375 5.77 -0.29 -20.77
N CYS A 376 5.67 0.01 -19.48
CA CYS A 376 4.86 1.15 -19.04
C CYS A 376 5.54 1.87 -17.90
N VAL A 377 5.50 3.20 -17.92
CA VAL A 377 6.00 4.02 -16.82
C VAL A 377 4.91 5.00 -16.39
N SER A 378 4.60 5.03 -15.10
CA SER A 378 3.48 5.81 -14.60
C SER A 378 3.80 6.40 -13.22
N GLN A 379 2.95 7.32 -12.77
CA GLN A 379 3.08 7.89 -11.43
C GLN A 379 2.89 6.85 -10.31
N SER A 380 2.33 5.67 -10.64
CA SER A 380 2.22 4.57 -9.68
C SER A 380 3.40 3.62 -9.76
N GLY A 381 4.28 3.83 -10.73
CA GLY A 381 5.38 2.91 -10.97
C GLY A 381 5.34 2.28 -12.36
N TYR A 382 6.15 1.25 -12.57
CA TYR A 382 6.30 0.69 -13.90
C TYR A 382 5.97 -0.80 -13.97
N THR A 383 5.62 -1.25 -15.17
CA THR A 383 5.19 -2.63 -15.34
C THR A 383 5.89 -3.30 -16.51
N LYS A 384 5.89 -4.63 -16.46
CA LYS A 384 6.26 -5.44 -17.62
C LYS A 384 5.01 -5.77 -18.43
N GLY A 385 5.19 -6.42 -19.58
CA GLY A 385 4.08 -6.74 -20.45
C GLY A 385 3.52 -8.13 -20.25
N GLU A 386 3.12 -8.45 -19.02
CA GLU A 386 2.53 -9.76 -18.72
C GLU A 386 1.09 -9.86 -19.21
N THR A 387 0.22 -9.05 -18.61
CA THR A 387 -1.19 -9.04 -18.97
C THR A 387 -1.62 -7.61 -19.28
N PRO A 388 -2.82 -7.45 -19.87
CA PRO A 388 -3.34 -6.09 -20.05
C PRO A 388 -3.95 -5.49 -18.78
N PHE A 389 -3.88 -6.20 -17.66
CA PHE A 389 -4.61 -5.76 -16.45
C PHE A 389 -3.74 -5.48 -15.21
N VAL A 390 -4.22 -4.55 -14.39
CA VAL A 390 -3.66 -4.29 -13.05
C VAL A 390 -4.77 -4.19 -12.01
N LYS A 391 -4.43 -4.49 -10.76
CA LYS A 391 -5.41 -4.53 -9.69
C LYS A 391 -5.90 -3.13 -9.33
N ASP A 392 -4.97 -2.19 -9.28
CA ASP A 392 -5.32 -0.79 -9.10
C ASP A 392 -4.91 0.04 -10.30
N TYR A 393 -5.55 1.20 -10.44
CA TYR A 393 -5.20 2.16 -11.48
C TYR A 393 -3.71 2.46 -11.49
N LEU A 394 -3.20 2.71 -12.69
CA LEU A 394 -1.92 3.36 -12.87
C LEU A 394 -2.19 4.85 -12.98
N SER A 395 -1.78 5.60 -11.96
CA SER A 395 -1.99 7.04 -11.96
C SER A 395 -1.21 7.72 -13.07
N PRO A 396 -1.85 8.63 -13.79
CA PRO A 396 -1.12 9.47 -14.74
C PRO A 396 -0.24 10.46 -13.97
N PRO A 397 0.74 11.09 -14.63
CA PRO A 397 1.11 10.88 -16.05
C PRO A 397 1.65 9.48 -16.28
N LYS A 398 1.55 9.02 -17.52
CA LYS A 398 1.98 7.67 -17.88
C LYS A 398 2.10 7.56 -19.37
N TYR A 399 2.87 6.57 -19.82
CA TYR A 399 3.03 6.33 -21.24
C TYR A 399 3.50 4.90 -21.49
N GLY A 400 3.28 4.42 -22.71
CA GLY A 400 3.72 3.08 -23.09
C GLY A 400 2.54 2.11 -23.17
N ARG A 401 2.84 0.82 -23.06
CA ARG A 401 1.79 -0.19 -23.11
C ARG A 401 1.22 -0.37 -21.71
N CYS A 402 0.23 0.46 -21.38
CA CYS A 402 -0.18 0.60 -19.98
C CYS A 402 -1.46 -0.19 -19.66
N GLN A 403 -1.42 -0.89 -18.53
CA GLN A 403 -2.51 -1.79 -18.15
C GLN A 403 -3.72 -1.07 -17.63
N LEU A 404 -4.86 -1.76 -17.74
CA LEU A 404 -6.14 -1.23 -17.32
C LEU A 404 -6.61 -1.90 -16.03
N LYS A 405 -7.29 -1.15 -15.19
CA LYS A 405 -7.87 -1.73 -13.98
C LYS A 405 -9.24 -2.37 -14.22
N THR A 406 -9.38 -3.63 -13.83
CA THR A 406 -10.66 -4.29 -13.82
C THR A 406 -10.79 -5.07 -12.51
N ASP A 407 -12.02 -5.29 -12.04
CA ASP A 407 -12.20 -6.11 -10.85
C ASP A 407 -11.89 -7.56 -11.21
N SER A 408 -11.32 -8.29 -10.27
CA SER A 408 -10.96 -9.69 -10.50
C SER A 408 -12.20 -10.51 -10.85
N GLY A 409 -13.34 -10.10 -10.32
CA GLY A 409 -14.59 -10.79 -10.59
C GLY A 409 -15.00 -10.76 -12.04
N ARG A 410 -14.57 -9.73 -12.78
CA ARG A 410 -14.97 -9.60 -14.18
C ARG A 410 -14.09 -10.42 -15.12
N ILE A 411 -12.96 -10.91 -14.61
CA ILE A 411 -12.09 -11.75 -15.42
C ILE A 411 -12.70 -13.15 -15.60
N PRO A 412 -13.07 -13.49 -16.83
CA PRO A 412 -13.75 -14.77 -17.08
C PRO A 412 -12.87 -16.00 -16.85
N THR A 413 -13.49 -17.16 -16.71
CA THR A 413 -12.78 -18.39 -16.35
C THR A 413 -12.84 -19.43 -17.47
N LEU A 414 -12.08 -20.52 -17.31
CA LEU A 414 -12.18 -21.64 -18.24
C LEU A 414 -12.36 -22.95 -17.46
N PRO A 415 -13.01 -23.93 -18.09
CA PRO A 415 -13.20 -25.20 -17.37
C PRO A 415 -11.89 -25.95 -17.23
N SER A 416 -11.69 -26.57 -16.07
CA SER A 416 -10.57 -27.45 -15.84
C SER A 416 -11.04 -28.70 -15.09
N GLY A 417 -10.12 -29.63 -14.86
CA GLY A 417 -10.45 -30.89 -14.24
C GLY A 417 -11.21 -31.78 -15.21
N LEU A 418 -11.95 -32.74 -14.66
CA LEU A 418 -12.76 -33.65 -15.47
C LEU A 418 -13.82 -32.84 -16.21
N ILE A 419 -13.88 -33.04 -17.52
CA ILE A 419 -14.68 -32.19 -18.39
C ILE A 419 -15.58 -33.04 -19.29
N ILE A 420 -16.83 -32.60 -19.47
CA ILE A 420 -17.81 -33.30 -20.30
C ILE A 420 -18.48 -32.35 -21.31
N PRO A 421 -18.43 -32.69 -22.60
CA PRO A 421 -19.04 -31.78 -23.59
C PRO A 421 -20.56 -31.86 -23.56
N GLN A 422 -21.22 -30.81 -24.07
CA GLN A 422 -22.67 -30.77 -24.16
C GLN A 422 -23.10 -29.88 -25.31
N ALA A 423 -24.12 -30.31 -26.03
CA ALA A 423 -24.66 -29.59 -27.17
C ALA A 423 -26.02 -30.17 -27.48
N GLY A 424 -26.83 -29.45 -28.25
CA GLY A 424 -28.22 -29.82 -28.43
C GLY A 424 -28.97 -29.52 -27.14
N THR A 425 -30.24 -29.86 -27.08
CA THR A 425 -31.04 -29.58 -25.90
C THR A 425 -31.05 -30.76 -24.95
N ASP A 426 -30.60 -31.92 -25.45
CA ASP A 426 -30.58 -33.16 -24.67
C ASP A 426 -31.96 -33.57 -24.16
N SER A 427 -33.01 -33.24 -24.90
CA SER A 427 -34.36 -33.62 -24.54
C SER A 427 -35.27 -33.69 -25.76
N PHE B 9 -27.50 -41.27 -22.20
CA PHE B 9 -27.88 -42.41 -23.03
C PHE B 9 -26.96 -42.55 -24.27
N GLY B 10 -25.65 -42.42 -24.08
CA GLY B 10 -24.68 -42.63 -25.16
C GLY B 10 -24.17 -41.47 -26.03
N LEU B 11 -23.41 -40.55 -25.44
CA LEU B 11 -22.57 -39.56 -26.17
C LEU B 11 -23.30 -38.42 -26.90
N LEU B 12 -24.59 -38.56 -27.17
CA LEU B 12 -25.36 -37.42 -27.63
C LEU B 12 -26.09 -36.78 -26.45
N PHE B 13 -25.96 -37.40 -25.28
CA PHE B 13 -26.71 -36.98 -24.10
C PHE B 13 -25.83 -36.91 -22.84
N VAL B 14 -26.13 -35.95 -21.97
CA VAL B 14 -25.53 -35.88 -20.66
C VAL B 14 -26.64 -35.94 -19.63
N GLY B 15 -26.60 -36.91 -18.73
CA GLY B 15 -27.63 -37.05 -17.72
C GLY B 15 -27.20 -36.58 -16.35
N PHE B 16 -28.17 -36.28 -15.50
CA PHE B 16 -27.91 -35.81 -14.14
C PHE B 16 -28.05 -36.93 -13.11
N VAL B 17 -27.30 -36.84 -12.02
CA VAL B 17 -27.43 -37.79 -10.93
C VAL B 17 -27.44 -37.06 -9.59
N ALA B 18 -27.99 -37.70 -8.57
CA ALA B 18 -28.27 -37.07 -7.28
C ALA B 18 -27.06 -36.96 -6.37
N GLY B 19 -27.33 -36.60 -5.12
CA GLY B 19 -26.34 -36.35 -4.08
C GLY B 19 -24.98 -37.02 -4.15
N GLY B 20 -24.94 -38.34 -3.92
CA GLY B 20 -23.70 -39.07 -4.05
C GLY B 20 -23.37 -39.21 -5.51
N VAL B 21 -23.04 -40.43 -5.94
CA VAL B 21 -22.87 -40.78 -7.37
C VAL B 21 -21.79 -39.99 -8.10
N ALA B 22 -20.79 -40.69 -8.62
CA ALA B 22 -19.71 -40.05 -9.36
C ALA B 22 -20.19 -39.57 -10.73
N GLY B 23 -19.68 -38.42 -11.16
CA GLY B 23 -19.94 -37.92 -12.50
C GLY B 23 -18.79 -38.33 -13.39
N GLY B 24 -19.03 -38.38 -14.70
CA GLY B 24 -17.99 -38.80 -15.62
C GLY B 24 -18.50 -39.65 -16.77
N TYR B 25 -17.65 -40.57 -17.21
CA TYR B 25 -17.95 -41.46 -18.32
C TYR B 25 -18.06 -42.91 -17.88
N PHE B 26 -19.21 -43.53 -18.10
CA PHE B 26 -19.46 -44.87 -17.57
C PHE B 26 -19.90 -45.85 -18.66
N TRP B 27 -19.90 -47.14 -18.34
CA TRP B 27 -20.48 -48.13 -19.23
C TRP B 27 -21.90 -48.46 -18.80
N GLY B 28 -22.82 -48.44 -19.76
CA GLY B 28 -24.21 -48.74 -19.48
C GLY B 28 -24.73 -49.83 -20.39
N ARG B 29 -25.47 -50.79 -19.82
CA ARG B 29 -25.96 -51.95 -20.57
C ARG B 29 -27.50 -52.09 -20.48
N SER B 30 -28.06 -52.99 -21.28
CA SER B 30 -29.49 -52.92 -21.64
C SER B 30 -30.44 -54.01 -21.14
N ASN B 31 -31.07 -54.69 -22.10
CA ASN B 31 -32.21 -55.57 -21.85
C ASN B 31 -31.78 -56.99 -21.44
N GLY B 32 -32.45 -57.99 -22.00
CA GLY B 32 -32.10 -59.37 -21.75
C GLY B 32 -33.27 -60.33 -21.69
N GLY B 33 -33.83 -60.50 -20.49
CA GLY B 33 -34.91 -61.45 -20.28
C GLY B 33 -36.23 -61.00 -20.87
N GLY B 34 -36.35 -59.70 -21.13
CA GLY B 34 -37.56 -59.14 -21.70
C GLY B 34 -38.70 -59.05 -20.68
N GLY B 35 -38.82 -57.91 -20.03
CA GLY B 35 -37.90 -56.79 -20.22
C GLY B 35 -36.83 -56.74 -19.15
N GLY B 36 -35.64 -56.27 -19.50
CA GLY B 36 -34.53 -56.14 -18.57
C GLY B 36 -34.73 -55.01 -17.58
N ALA B 37 -33.65 -54.37 -17.17
CA ALA B 37 -33.75 -53.32 -16.16
C ALA B 37 -32.55 -52.36 -16.14
N SER B 38 -31.74 -52.36 -17.20
CA SER B 38 -30.56 -51.48 -17.34
C SER B 38 -29.53 -51.63 -16.21
N VAL B 39 -28.37 -51.01 -16.42
CA VAL B 39 -27.26 -51.07 -15.47
C VAL B 39 -26.13 -50.12 -15.89
N SER B 40 -25.59 -49.37 -14.95
CA SER B 40 -24.48 -48.48 -15.23
C SER B 40 -23.31 -48.77 -14.29
N SER B 41 -22.10 -48.85 -14.86
CA SER B 41 -20.92 -49.29 -14.12
C SER B 41 -20.39 -48.25 -13.12
N THR B 42 -19.06 -48.23 -12.98
CA THR B 42 -18.37 -47.26 -12.15
C THR B 42 -17.07 -46.78 -12.81
N GLN B 43 -17.22 -46.32 -14.06
CA GLN B 43 -16.17 -45.69 -14.87
C GLN B 43 -15.13 -46.68 -15.39
N ALA B 44 -14.64 -46.42 -16.60
CA ALA B 44 -13.82 -47.38 -17.34
C ALA B 44 -12.33 -47.04 -17.31
N GLY B 45 -11.60 -47.63 -18.26
CA GLY B 45 -10.18 -47.39 -18.39
C GLY B 45 -9.88 -46.32 -19.43
N PHE B 46 -10.85 -45.43 -19.65
CA PHE B 46 -10.73 -44.36 -20.63
C PHE B 46 -9.62 -43.38 -20.28
N ASP B 47 -8.37 -43.83 -20.31
CA ASP B 47 -7.27 -42.93 -20.02
C ASP B 47 -6.99 -42.03 -21.23
N LYS B 48 -7.50 -42.43 -22.39
CA LYS B 48 -7.39 -41.61 -23.60
C LYS B 48 -8.14 -40.29 -23.43
N ILE B 49 -9.27 -40.33 -22.74
CA ILE B 49 -10.03 -39.14 -22.46
C ILE B 49 -9.26 -38.24 -21.51
N GLY B 50 -8.65 -38.86 -20.49
CA GLY B 50 -7.84 -38.12 -19.55
C GLY B 50 -6.71 -37.39 -20.24
N LYS B 51 -6.05 -38.08 -21.16
CA LYS B 51 -4.94 -37.46 -21.89
C LYS B 51 -5.43 -36.41 -22.88
N ASP B 52 -6.57 -36.68 -23.51
CA ASP B 52 -7.11 -35.76 -24.50
C ASP B 52 -7.55 -34.46 -23.82
N ILE B 53 -8.16 -34.58 -22.65
CA ILE B 53 -8.55 -33.41 -21.87
C ILE B 53 -7.34 -32.55 -21.49
N GLN B 54 -6.26 -33.20 -21.05
CA GLN B 54 -5.06 -32.45 -20.66
C GLN B 54 -4.46 -31.70 -21.84
N GLN B 55 -4.48 -32.34 -23.01
CA GLN B 55 -3.92 -31.75 -24.20
C GLN B 55 -4.78 -30.57 -24.65
N LEU B 56 -6.10 -30.76 -24.60
CA LEU B 56 -7.04 -29.72 -25.01
C LEU B 56 -6.91 -28.49 -24.13
N ARG B 57 -6.75 -28.72 -22.82
CA ARG B 57 -6.63 -27.65 -21.85
C ARG B 57 -5.35 -26.85 -22.09
N ASN B 58 -4.27 -27.57 -22.35
CA ASN B 58 -3.00 -26.91 -22.55
C ASN B 58 -2.96 -26.15 -23.87
N ASP B 59 -3.73 -26.62 -24.85
CA ASP B 59 -3.87 -25.93 -26.13
C ASP B 59 -4.59 -24.58 -26.02
N THR B 60 -5.22 -24.30 -24.88
CA THR B 60 -5.90 -23.01 -24.71
C THR B 60 -4.90 -21.87 -24.54
N ASN B 61 -3.65 -22.20 -24.21
CA ASN B 61 -2.61 -21.19 -23.98
C ASN B 61 -2.35 -20.30 -25.19
N ALA B 62 -2.49 -20.85 -26.39
CA ALA B 62 -2.25 -20.08 -27.61
C ALA B 62 -3.20 -18.89 -27.70
N ALA B 63 -4.48 -19.11 -27.43
CA ALA B 63 -5.48 -18.06 -27.53
C ALA B 63 -5.30 -17.02 -26.41
N ILE B 64 -4.88 -17.50 -25.24
CA ILE B 64 -4.68 -16.64 -24.08
C ILE B 64 -3.40 -15.79 -24.21
N GLU B 65 -2.34 -16.39 -24.74
CA GLU B 65 -1.09 -15.67 -24.91
C GLU B 65 -1.24 -14.53 -25.90
N GLY B 66 -2.01 -14.77 -26.95
CA GLY B 66 -2.33 -13.73 -27.91
C GLY B 66 -3.04 -12.56 -27.27
N PHE B 67 -3.99 -12.86 -26.39
CA PHE B 67 -4.71 -11.78 -25.71
C PHE B 67 -3.80 -11.03 -24.74
N ASN B 68 -3.02 -11.75 -23.95
CA ASN B 68 -2.15 -11.11 -22.97
C ASN B 68 -1.08 -10.25 -23.65
N GLY B 69 -0.65 -10.68 -24.83
CA GLY B 69 0.41 -9.98 -25.55
C GLY B 69 -0.05 -8.70 -26.22
N ARG B 70 -1.32 -8.35 -26.05
CA ARG B 70 -1.90 -7.21 -26.72
C ARG B 70 -2.28 -6.11 -25.74
N ILE B 71 -1.41 -5.10 -25.64
CA ILE B 71 -1.64 -3.98 -24.72
C ILE B 71 -1.48 -2.67 -25.48
N ALA B 72 -2.54 -1.87 -25.50
CA ALA B 72 -2.57 -0.65 -26.31
C ALA B 72 -1.62 0.42 -25.77
N HIS B 73 -0.84 1.02 -26.68
CA HIS B 73 -0.03 2.16 -26.32
C HIS B 73 -0.90 3.33 -25.85
N ASP B 74 -0.35 4.15 -24.97
CA ASP B 74 -1.09 5.28 -24.42
C ASP B 74 -0.10 6.36 -23.98
N GLU B 75 -0.61 7.58 -23.77
CA GLU B 75 0.22 8.63 -23.23
C GLU B 75 -0.66 9.71 -22.62
N GLN B 76 -0.54 9.87 -21.31
CA GLN B 76 -1.30 10.87 -20.59
C GLN B 76 -0.36 11.79 -19.82
N ALA B 77 -0.48 13.09 -20.05
CA ALA B 77 0.30 14.09 -19.32
C ALA B 77 -0.49 14.59 -18.12
N ILE B 78 -1.79 14.33 -18.16
CA ILE B 78 -2.75 14.72 -17.13
C ILE B 78 -2.37 14.24 -15.72
N LYS B 79 -2.67 15.03 -14.70
CA LYS B 79 -2.19 14.72 -13.34
C LYS B 79 -3.22 14.00 -12.47
N ASN B 80 -4.47 13.99 -12.91
CA ASN B 80 -5.52 13.32 -12.17
C ASN B 80 -6.22 12.28 -13.04
N LEU B 81 -6.37 11.09 -12.46
CA LEU B 81 -6.99 9.94 -13.13
C LEU B 81 -8.28 10.27 -13.86
N ALA B 82 -8.38 9.90 -15.13
CA ALA B 82 -9.63 9.99 -15.86
C ALA B 82 -10.41 8.69 -15.65
N LYS B 83 -11.03 8.57 -14.48
CA LYS B 83 -11.56 7.30 -14.00
C LYS B 83 -12.55 6.66 -14.98
N GLU B 84 -13.50 7.45 -15.48
CA GLU B 84 -14.57 6.91 -16.32
C GLU B 84 -14.07 6.41 -17.68
N ILE B 85 -13.14 7.13 -18.30
CA ILE B 85 -12.46 6.69 -19.52
C ILE B 85 -11.65 5.42 -19.28
N GLU B 86 -10.87 5.46 -18.21
CA GLU B 86 -10.14 4.31 -17.73
C GLU B 86 -11.06 3.08 -17.64
N ASP B 87 -12.15 3.19 -16.89
CA ASP B 87 -13.08 2.08 -16.69
C ASP B 87 -13.74 1.62 -18.01
N ALA B 88 -14.01 2.56 -18.92
CA ALA B 88 -14.61 2.23 -20.21
C ALA B 88 -13.69 1.35 -21.07
N ARG B 89 -12.41 1.70 -21.09
CA ARG B 89 -11.43 0.90 -21.82
C ARG B 89 -11.34 -0.52 -21.28
N ALA B 90 -11.32 -0.64 -19.95
CA ALA B 90 -11.29 -1.94 -19.28
C ALA B 90 -12.49 -2.80 -19.67
N GLU B 91 -13.67 -2.18 -19.65
CA GLU B 91 -14.94 -2.83 -19.94
C GLU B 91 -14.97 -3.38 -21.37
N ALA B 92 -14.39 -2.64 -22.29
CA ALA B 92 -14.31 -3.05 -23.69
C ALA B 92 -13.36 -4.23 -23.83
N LEU B 93 -12.21 -4.12 -23.18
CA LEU B 93 -11.23 -5.20 -23.17
C LEU B 93 -11.83 -6.46 -22.55
N VAL B 94 -12.57 -6.29 -21.45
CA VAL B 94 -13.22 -7.41 -20.79
C VAL B 94 -14.27 -8.02 -21.71
N GLY B 95 -14.98 -7.17 -22.45
CA GLY B 95 -15.95 -7.64 -23.42
C GLY B 95 -15.27 -8.48 -24.50
N GLU B 96 -14.13 -8.00 -24.98
CA GLU B 96 -13.36 -8.77 -25.95
C GLU B 96 -12.92 -10.10 -25.34
N LEU B 97 -12.42 -10.08 -24.11
CA LEU B 97 -12.05 -11.31 -23.42
C LEU B 97 -13.25 -12.26 -23.29
N GLY B 98 -14.45 -11.70 -23.12
CA GLY B 98 -15.65 -12.50 -23.04
C GLY B 98 -15.93 -13.32 -24.29
N ILE B 99 -15.75 -12.70 -25.46
CA ILE B 99 -15.96 -13.38 -26.73
C ILE B 99 -14.95 -14.51 -26.93
N ILE B 100 -13.67 -14.21 -26.68
CA ILE B 100 -12.61 -15.21 -26.80
C ILE B 100 -12.90 -16.43 -25.92
N ARG B 101 -13.29 -16.18 -24.66
CA ARG B 101 -13.73 -17.22 -23.74
C ARG B 101 -14.77 -18.13 -24.37
N SER B 102 -15.86 -17.52 -24.87
CA SER B 102 -16.93 -18.27 -25.49
C SER B 102 -16.42 -19.10 -26.66
N LEU B 103 -15.47 -18.56 -27.41
CA LEU B 103 -14.87 -19.31 -28.50
C LEU B 103 -14.03 -20.48 -27.99
N ILE B 104 -13.25 -20.24 -26.93
CA ILE B 104 -12.39 -21.30 -26.39
C ILE B 104 -13.22 -22.46 -25.79
N VAL B 105 -14.28 -22.14 -25.06
CA VAL B 105 -15.14 -23.15 -24.46
C VAL B 105 -15.74 -24.04 -25.54
N ALA B 106 -16.23 -23.42 -26.60
CA ALA B 106 -16.79 -24.15 -27.72
C ALA B 106 -15.72 -24.99 -28.40
N ASN B 107 -14.51 -24.43 -28.47
CA ASN B 107 -13.44 -25.11 -29.14
C ASN B 107 -13.04 -26.37 -28.36
N ILE B 108 -13.04 -26.27 -27.03
CA ILE B 108 -12.81 -27.44 -26.18
C ILE B 108 -13.96 -28.45 -26.29
N SER B 109 -15.19 -27.94 -26.24
CA SER B 109 -16.38 -28.75 -26.32
C SER B 109 -16.36 -29.62 -27.57
N MET B 110 -16.13 -28.96 -28.70
CA MET B 110 -16.19 -29.62 -29.99
C MET B 110 -15.06 -30.61 -30.19
N ASN B 111 -13.84 -30.23 -29.83
CA ASN B 111 -12.70 -31.13 -29.97
C ASN B 111 -12.71 -32.31 -28.99
N LEU B 112 -13.33 -32.11 -27.82
CA LEU B 112 -13.48 -33.21 -26.86
C LEU B 112 -14.50 -34.21 -27.36
N LYS B 113 -15.63 -33.70 -27.84
CA LYS B 113 -16.65 -34.53 -28.46
C LYS B 113 -16.07 -35.32 -29.64
N GLU B 114 -15.20 -34.70 -30.43
CA GLU B 114 -14.56 -35.39 -31.54
C GLU B 114 -13.59 -36.47 -31.02
N SER B 115 -12.94 -36.18 -29.90
CA SER B 115 -12.05 -37.15 -29.26
C SER B 115 -12.87 -38.32 -28.71
N LEU B 116 -14.08 -38.04 -28.27
CA LEU B 116 -14.97 -39.08 -27.77
C LEU B 116 -15.49 -39.91 -28.95
N TYR B 117 -15.70 -39.27 -30.10
CA TYR B 117 -16.11 -40.02 -31.29
C TYR B 117 -14.98 -40.93 -31.74
N GLU B 118 -13.74 -40.49 -31.56
CA GLU B 118 -12.57 -41.29 -31.94
C GLU B 118 -12.43 -42.49 -31.01
N LEU B 119 -12.75 -42.29 -29.74
CA LEU B 119 -12.74 -43.38 -28.77
C LEU B 119 -13.74 -44.45 -29.19
N ALA B 120 -14.99 -44.04 -29.44
CA ALA B 120 -16.04 -44.97 -29.84
C ALA B 120 -15.70 -45.68 -31.15
N ASN B 121 -15.10 -44.95 -32.09
CA ASN B 121 -14.76 -45.52 -33.39
C ASN B 121 -13.73 -46.63 -33.30
N GLN B 122 -12.78 -46.49 -32.39
CA GLN B 122 -11.78 -47.53 -32.17
C GLN B 122 -12.43 -48.78 -31.59
N ILE B 123 -13.38 -48.59 -30.67
CA ILE B 123 -14.13 -49.69 -30.08
C ILE B 123 -14.93 -50.42 -31.16
N THR B 124 -15.58 -49.68 -32.06
CA THR B 124 -16.32 -50.30 -33.16
C THR B 124 -15.41 -51.20 -33.98
N LYS B 125 -14.23 -50.71 -34.31
CA LYS B 125 -13.33 -51.43 -35.20
C LYS B 125 -12.59 -52.58 -34.51
N ARG B 126 -12.82 -52.76 -33.22
CA ARG B 126 -12.20 -53.89 -32.52
C ARG B 126 -13.13 -55.08 -32.39
N GLY B 127 -14.43 -54.84 -32.58
CA GLY B 127 -15.39 -55.92 -32.72
C GLY B 127 -16.04 -55.75 -34.07
N GLY B 128 -15.28 -56.00 -35.12
CA GLY B 128 -15.72 -55.62 -36.45
C GLY B 128 -16.15 -56.74 -37.37
N GLY B 129 -17.46 -56.84 -37.60
CA GLY B 129 -18.41 -55.88 -37.09
C GLY B 129 -19.44 -56.51 -36.16
N ILE B 130 -18.96 -57.11 -35.08
CA ILE B 130 -19.85 -57.62 -34.04
C ILE B 130 -20.50 -56.46 -33.30
N ALA B 131 -19.88 -55.29 -33.42
CA ALA B 131 -20.31 -54.09 -32.72
C ALA B 131 -21.69 -53.61 -33.13
N GLN B 132 -21.82 -53.13 -34.36
CA GLN B 132 -23.06 -52.52 -34.88
C GLN B 132 -23.43 -51.26 -34.08
N GLU B 133 -23.12 -50.11 -34.67
CA GLU B 133 -23.36 -48.84 -34.01
C GLU B 133 -24.84 -48.48 -33.91
N ALA B 134 -25.17 -47.74 -32.86
CA ALA B 134 -26.54 -47.24 -32.65
C ALA B 134 -26.47 -45.79 -32.20
N GLY B 135 -25.91 -44.93 -33.06
CA GLY B 135 -25.56 -43.58 -32.67
C GLY B 135 -24.21 -43.59 -31.99
N PRO B 136 -23.55 -42.44 -31.90
CA PRO B 136 -22.20 -42.37 -31.34
C PRO B 136 -22.13 -42.89 -29.90
N GLY B 137 -21.16 -43.76 -29.63
CA GLY B 137 -20.98 -44.32 -28.31
C GLY B 137 -22.04 -45.32 -27.87
N CYS B 138 -22.78 -45.87 -28.83
CA CYS B 138 -23.73 -46.94 -28.53
C CYS B 138 -23.60 -48.09 -29.53
N TRP B 139 -23.83 -49.30 -29.06
CA TRP B 139 -23.70 -50.49 -29.92
C TRP B 139 -24.74 -51.56 -29.61
N TYR B 140 -25.22 -52.22 -30.65
CA TYR B 140 -25.98 -53.44 -30.44
C TYR B 140 -25.05 -54.63 -30.62
N VAL B 141 -24.43 -55.09 -29.54
CA VAL B 141 -23.73 -56.36 -29.62
C VAL B 141 -24.70 -57.52 -29.29
N ASP B 142 -24.95 -58.40 -30.27
CA ASP B 142 -25.88 -59.51 -30.11
C ASP B 142 -25.21 -60.64 -29.34
N SER B 143 -25.71 -60.87 -28.14
CA SER B 143 -25.15 -61.85 -27.22
C SER B 143 -25.34 -63.26 -27.73
N GLU B 144 -24.95 -63.52 -28.98
CA GLU B 144 -25.16 -64.83 -29.58
C GLU B 144 -23.79 -65.23 -30.15
N ASN B 145 -23.29 -64.41 -31.07
CA ASN B 145 -21.98 -64.56 -31.68
C ASN B 145 -20.90 -64.14 -30.69
N CYS B 146 -21.33 -63.38 -29.69
CA CYS B 146 -20.41 -62.74 -28.74
C CYS B 146 -20.80 -63.08 -27.29
N ASP B 147 -19.98 -63.88 -26.62
CA ASP B 147 -20.27 -64.31 -25.26
C ASP B 147 -19.99 -63.19 -24.25
N ALA B 148 -19.03 -63.42 -23.35
CA ALA B 148 -18.69 -62.44 -22.33
C ALA B 148 -17.23 -62.02 -22.45
N SER B 149 -16.36 -63.00 -22.71
CA SER B 149 -14.96 -62.73 -22.98
C SER B 149 -14.84 -61.91 -24.26
N CYS B 150 -15.84 -62.07 -25.13
CA CYS B 150 -15.89 -61.33 -26.39
C CYS B 150 -16.16 -59.84 -26.14
N LYS B 151 -17.28 -59.55 -25.48
CA LYS B 151 -17.64 -58.18 -25.14
C LYS B 151 -16.56 -57.51 -24.30
N GLU B 152 -15.90 -58.31 -23.46
CA GLU B 152 -14.78 -57.81 -22.69
C GLU B 152 -13.68 -57.36 -23.63
N TYR B 153 -13.43 -58.13 -24.67
CA TYR B 153 -12.42 -57.76 -25.65
C TYR B 153 -12.82 -56.48 -26.39
N ILE B 154 -14.10 -56.36 -26.72
CA ILE B 154 -14.59 -55.25 -27.54
C ILE B 154 -14.71 -53.94 -26.77
N PHE B 155 -15.27 -54.00 -25.56
CA PHE B 155 -15.60 -52.77 -24.84
C PHE B 155 -14.73 -52.57 -23.59
N ASN B 156 -13.72 -53.40 -23.41
CA ASN B 156 -12.84 -53.35 -22.22
C ASN B 156 -13.53 -53.20 -20.88
N PHE B 157 -14.75 -53.76 -20.76
CA PHE B 157 -15.44 -54.03 -19.49
C PHE B 157 -16.89 -54.49 -19.72
N GLU C 1 62.71 15.97 18.82
CA GLU C 1 61.55 15.83 17.95
C GLU C 1 60.23 15.64 18.71
N LEU C 2 59.22 16.39 18.28
CA LEU C 2 57.84 16.23 18.71
C LEU C 2 57.06 15.38 17.69
N ILE C 3 56.75 14.13 18.06
CA ILE C 3 55.98 13.26 17.18
C ILE C 3 54.59 13.03 17.76
N CYS C 4 53.56 13.30 16.96
CA CYS C 4 52.20 13.23 17.47
C CYS C 4 51.26 12.47 16.54
N ILE C 5 50.28 11.80 17.14
CA ILE C 5 49.14 11.29 16.40
C ILE C 5 48.22 12.45 16.02
N VAL C 6 47.83 12.55 14.76
CA VAL C 6 46.98 13.67 14.35
C VAL C 6 45.58 13.21 13.87
N GLN C 7 44.56 13.87 14.42
CA GLN C 7 43.18 13.61 14.04
C GLN C 7 42.69 14.74 13.18
N ARG C 8 42.12 14.43 12.01
CA ARG C 8 41.57 15.48 11.17
C ARG C 8 40.38 14.98 10.37
N VAL C 9 39.45 15.89 10.11
CA VAL C 9 38.23 15.53 9.42
C VAL C 9 38.05 16.26 8.09
N ASN C 10 37.30 15.63 7.21
CA ASN C 10 37.00 16.15 5.89
C ASN C 10 35.68 16.90 5.87
N GLU C 11 35.40 17.50 4.71
CA GLU C 11 34.07 17.96 4.37
C GLU C 11 33.06 16.81 4.52
N SER C 12 33.58 15.59 4.45
CA SER C 12 32.77 14.38 4.49
C SER C 12 32.34 13.99 5.90
N PHE C 13 32.91 14.66 6.91
CA PHE C 13 32.56 14.39 8.30
C PHE C 13 31.56 15.40 8.84
N SER C 14 30.60 14.93 9.63
CA SER C 14 29.71 15.81 10.38
C SER C 14 29.80 15.53 11.87
N LEU C 15 29.43 16.51 12.69
CA LEU C 15 29.63 16.41 14.13
C LEU C 15 28.39 15.96 14.89
N HIS C 16 28.51 14.87 15.63
CA HIS C 16 27.39 14.37 16.44
C HIS C 16 27.57 14.73 17.90
N SER C 17 26.57 15.42 18.46
CA SER C 17 26.65 15.85 19.85
C SER C 17 26.29 14.71 20.80
N GLY C 18 26.99 14.64 21.92
CA GLY C 18 26.71 13.67 22.97
C GLY C 18 26.75 14.31 24.34
N PHE C 19 26.25 13.60 25.35
CA PHE C 19 26.32 14.06 26.73
C PHE C 19 27.54 13.48 27.42
N GLY C 20 28.68 14.15 27.26
CA GLY C 20 29.93 13.66 27.80
C GLY C 20 30.99 13.41 26.75
N GLY C 21 30.75 13.90 25.54
CA GLY C 21 31.70 13.73 24.45
C GLY C 21 31.03 13.67 23.09
N ASN C 22 31.62 14.35 22.11
CA ASN C 22 31.08 14.38 20.75
C ASN C 22 31.83 13.41 19.83
N VAL C 23 31.27 13.18 18.65
CA VAL C 23 31.84 12.29 17.63
C VAL C 23 31.76 12.86 16.22
N TYR C 24 32.88 12.88 15.50
CA TYR C 24 32.89 13.13 14.06
C TYR C 24 32.76 11.81 13.28
N SER C 25 31.95 11.79 12.23
CA SER C 25 31.84 10.60 11.40
C SER C 25 31.42 10.94 9.98
N MET C 26 31.60 9.97 9.09
CA MET C 26 31.28 10.15 7.69
C MET C 26 29.89 9.62 7.37
N LYS C 27 29.49 8.61 8.13
CA LYS C 27 28.22 7.94 7.93
C LYS C 27 27.35 7.97 9.18
N THR C 28 26.06 7.71 9.00
CA THR C 28 25.12 7.52 10.09
C THR C 28 24.32 6.26 9.88
N GLU C 29 23.79 5.71 10.96
CA GLU C 29 22.84 4.63 10.86
C GLU C 29 21.68 4.90 11.80
N PRO C 30 20.46 4.91 11.26
CA PRO C 30 19.24 5.19 12.04
C PRO C 30 19.08 4.21 13.19
N MET C 31 18.51 4.68 14.30
CA MET C 31 18.39 3.87 15.50
C MET C 31 17.15 2.99 15.47
N THR C 32 16.15 3.44 14.72
CA THR C 32 14.87 2.74 14.66
C THR C 32 14.29 2.88 13.25
N GLY C 33 13.10 2.34 13.03
CA GLY C 33 12.45 2.44 11.74
C GLY C 33 10.96 2.17 11.78
N PHE C 34 10.39 1.88 10.62
CA PHE C 34 8.98 1.55 10.55
C PHE C 34 8.80 0.03 10.56
N THR C 35 7.74 -0.43 11.22
CA THR C 35 7.37 -1.83 11.22
C THR C 35 6.30 -2.07 10.16
N ASN C 36 6.44 -3.17 9.42
CA ASN C 36 5.44 -3.51 8.42
C ASN C 36 4.08 -3.75 9.04
N VAL C 37 3.05 -3.38 8.30
CA VAL C 37 1.68 -3.61 8.72
C VAL C 37 1.01 -4.60 7.78
N THR C 38 0.58 -5.72 8.34
CA THR C 38 -0.03 -6.78 7.55
C THR C 38 -1.54 -6.75 7.69
N LYS C 39 -2.24 -6.71 6.56
CA LYS C 39 -3.69 -6.74 6.59
C LYS C 39 -4.19 -8.12 6.99
N GLY C 40 -5.33 -8.15 7.68
CA GLY C 40 -5.92 -9.41 8.09
C GLY C 40 -6.11 -9.56 9.59
N ALA C 41 -6.43 -10.78 9.99
CA ALA C 41 -6.74 -11.08 11.38
C ALA C 41 -5.54 -11.69 12.06
N SER C 42 -5.40 -11.45 13.35
CA SER C 42 -4.35 -12.07 14.12
C SER C 42 -4.75 -11.98 15.60
N VAL C 43 -3.86 -12.45 16.47
CA VAL C 43 -4.08 -12.37 17.90
C VAL C 43 -2.74 -12.13 18.58
N ILE C 44 -2.76 -11.54 19.78
CA ILE C 44 -1.53 -11.28 20.51
C ILE C 44 -1.25 -12.34 21.58
N ASN C 45 -2.25 -13.17 21.87
CA ASN C 45 -2.10 -14.26 22.83
C ASN C 45 -2.76 -15.53 22.31
N GLN C 46 -1.94 -16.47 21.87
CA GLN C 46 -2.44 -17.69 21.24
C GLN C 46 -3.24 -18.57 22.19
N LYS C 47 -3.07 -18.39 23.50
CA LYS C 47 -3.74 -19.25 24.47
C LYS C 47 -4.96 -18.58 25.10
N ASP C 48 -5.32 -17.41 24.60
CA ASP C 48 -6.49 -16.72 25.12
C ASP C 48 -7.29 -16.04 24.01
N TRP C 49 -7.66 -16.81 23.01
CA TRP C 49 -8.64 -16.35 22.03
C TRP C 49 -9.56 -17.46 21.64
N ILE C 50 -10.65 -17.08 20.98
CA ILE C 50 -11.59 -18.05 20.48
C ILE C 50 -12.24 -17.55 19.18
N GLY C 51 -12.52 -18.49 18.28
CA GLY C 51 -13.19 -18.18 17.04
C GLY C 51 -14.59 -18.76 17.04
N PHE C 52 -15.50 -18.08 16.36
CA PHE C 52 -16.84 -18.60 16.13
C PHE C 52 -17.10 -18.60 14.62
N GLY C 53 -17.50 -19.75 14.09
CA GLY C 53 -17.67 -19.83 12.65
C GLY C 53 -18.52 -20.95 12.10
N ASP C 54 -18.27 -21.24 10.82
CA ASP C 54 -19.07 -22.19 10.07
C ASP C 54 -18.17 -23.17 9.34
N SER C 55 -18.65 -23.72 8.23
CA SER C 55 -17.89 -24.73 7.47
C SER C 55 -16.46 -24.32 7.12
N ARG C 56 -16.24 -23.01 6.96
CA ARG C 56 -14.95 -22.51 6.50
C ARG C 56 -13.84 -22.55 7.56
N THR C 57 -14.22 -22.88 8.80
CA THR C 57 -13.24 -23.15 9.86
C THR C 57 -13.53 -24.47 10.56
N ASP C 58 -14.32 -25.33 9.93
CA ASP C 58 -14.80 -26.58 10.55
C ASP C 58 -13.95 -27.78 10.14
N LEU C 59 -13.05 -28.21 11.02
CA LEU C 59 -12.11 -29.29 10.71
C LEU C 59 -12.78 -30.67 10.55
N THR C 60 -14.05 -30.79 10.90
CA THR C 60 -14.75 -32.05 10.77
C THR C 60 -15.52 -32.11 9.46
N ASN C 61 -15.39 -31.07 8.65
CA ASN C 61 -15.94 -31.09 7.30
C ASN C 61 -15.27 -32.20 6.47
N ASP C 62 -16.06 -32.91 5.69
CA ASP C 62 -15.57 -33.99 4.83
C ASP C 62 -14.49 -33.52 3.85
N GLN C 63 -14.58 -32.27 3.40
CA GLN C 63 -13.61 -31.77 2.43
C GLN C 63 -12.47 -30.98 3.07
N PHE C 64 -12.36 -31.01 4.39
CA PHE C 64 -11.23 -30.37 5.08
C PHE C 64 -9.90 -31.01 4.67
N PRO C 65 -8.84 -30.22 4.47
CA PRO C 65 -8.71 -28.76 4.57
C PRO C 65 -9.09 -27.95 3.31
N ALA C 66 -9.40 -28.63 2.21
CA ALA C 66 -9.73 -27.95 0.94
C ALA C 66 -10.95 -27.04 1.08
N SER C 67 -11.83 -27.38 2.02
CA SER C 67 -13.02 -26.56 2.27
C SER C 67 -12.79 -25.46 3.32
N SER C 68 -11.57 -25.32 3.79
CA SER C 68 -11.31 -24.44 4.93
C SER C 68 -10.51 -23.20 4.56
N ASP C 69 -10.73 -22.12 5.32
CA ASP C 69 -9.95 -20.91 5.12
C ASP C 69 -8.85 -20.79 6.15
N VAL C 70 -8.74 -21.80 7.02
CA VAL C 70 -7.66 -21.86 8.00
C VAL C 70 -7.10 -23.29 8.10
N PRO C 71 -5.82 -23.42 8.49
CA PRO C 71 -5.21 -24.74 8.71
C PRO C 71 -5.66 -25.36 10.03
N LEU C 72 -5.43 -26.66 10.18
CA LEU C 72 -5.90 -27.42 11.35
C LEU C 72 -5.59 -26.79 12.69
N ALA C 73 -4.40 -26.21 12.84
CA ALA C 73 -3.95 -25.70 14.12
C ALA C 73 -4.74 -24.46 14.53
N VAL C 74 -5.30 -23.77 13.56
CA VAL C 74 -6.15 -22.62 13.84
C VAL C 74 -7.63 -23.03 13.93
N ALA C 75 -8.04 -23.99 13.12
CA ALA C 75 -9.41 -24.48 13.15
C ALA C 75 -9.77 -25.03 14.53
N LYS C 76 -8.76 -25.54 15.25
CA LYS C 76 -8.93 -26.08 16.60
C LYS C 76 -9.38 -25.02 17.60
N LYS C 77 -9.07 -23.76 17.29
CA LYS C 77 -9.43 -22.65 18.17
C LYS C 77 -10.83 -22.10 17.85
N PHE C 78 -11.42 -22.57 16.76
CA PHE C 78 -12.77 -22.14 16.39
C PHE C 78 -13.84 -23.06 16.95
N ARG C 79 -14.96 -22.48 17.36
CA ARG C 79 -16.16 -23.25 17.59
C ARG C 79 -17.03 -23.04 16.34
N SER C 80 -17.18 -24.08 15.52
CA SER C 80 -17.79 -23.96 14.21
C SER C 80 -18.54 -25.23 13.85
N LEU C 81 -19.58 -25.10 13.04
CA LEU C 81 -20.22 -26.26 12.44
C LEU C 81 -20.68 -25.88 11.04
N SER C 82 -20.47 -26.79 10.09
CA SER C 82 -20.93 -26.59 8.71
C SER C 82 -22.43 -26.27 8.65
N GLY C 83 -22.76 -25.17 7.96
CA GLY C 83 -24.15 -24.77 7.79
C GLY C 83 -24.67 -23.84 8.88
N ALA C 84 -23.86 -23.64 9.93
CA ALA C 84 -24.27 -22.87 11.10
C ALA C 84 -24.01 -21.38 10.98
N SER C 85 -24.69 -20.60 11.81
CA SER C 85 -24.37 -19.19 12.04
C SER C 85 -25.00 -18.80 13.36
N LEU C 86 -24.51 -17.73 13.98
CA LEU C 86 -25.06 -17.23 15.23
C LEU C 86 -26.55 -16.92 15.11
N MET C 87 -26.93 -16.27 14.01
CA MET C 87 -28.32 -15.86 13.81
C MET C 87 -29.25 -17.05 13.59
N LEU C 88 -28.74 -18.08 12.92
CA LEU C 88 -29.50 -19.31 12.73
C LEU C 88 -29.81 -19.95 14.08
N SER C 89 -28.82 -19.98 14.98
CA SER C 89 -29.06 -20.55 16.31
C SER C 89 -29.97 -19.67 17.17
N ALA C 90 -29.95 -18.36 16.93
CA ALA C 90 -30.80 -17.42 17.66
C ALA C 90 -32.29 -17.67 17.45
N PHE C 91 -32.65 -18.04 16.22
CA PHE C 91 -34.04 -18.20 15.83
C PHE C 91 -34.43 -19.67 15.65
N GLY C 92 -33.46 -20.47 15.24
CA GLY C 92 -33.69 -21.88 14.92
C GLY C 92 -34.77 -22.08 13.86
N PRO C 93 -34.58 -21.50 12.65
CA PRO C 93 -35.60 -21.66 11.61
C PRO C 93 -35.73 -23.13 11.22
N PRO C 94 -36.90 -23.54 10.71
CA PRO C 94 -37.09 -24.96 10.35
C PRO C 94 -36.04 -25.50 9.36
N GLY C 95 -35.45 -26.64 9.70
CA GLY C 95 -34.55 -27.35 8.81
C GLY C 95 -33.14 -26.82 8.66
N LYS C 96 -32.79 -25.79 9.43
CA LYS C 96 -31.46 -25.21 9.37
C LYS C 96 -30.59 -25.77 10.49
N VAL C 97 -29.27 -25.80 10.32
CA VAL C 97 -28.49 -26.38 11.39
C VAL C 97 -28.47 -25.42 12.57
N ASP C 98 -28.41 -26.01 13.75
CA ASP C 98 -28.68 -25.31 14.99
C ASP C 98 -27.54 -25.62 15.93
N TYR C 99 -26.47 -24.86 15.79
CA TYR C 99 -25.24 -25.12 16.53
C TYR C 99 -25.18 -24.33 17.83
N LEU C 100 -24.90 -25.03 18.94
CA LEU C 100 -24.80 -24.36 20.24
C LEU C 100 -23.42 -23.72 20.39
N TYR C 101 -23.28 -22.49 19.91
CA TYR C 101 -22.02 -21.76 20.04
C TYR C 101 -21.74 -21.45 21.52
N GLN C 102 -20.54 -21.79 21.97
CA GLN C 102 -20.12 -21.39 23.30
C GLN C 102 -18.60 -21.45 23.40
N GLY C 103 -18.04 -20.54 24.20
CA GLY C 103 -16.62 -20.59 24.50
C GLY C 103 -16.11 -19.29 25.08
N CYS C 104 -14.83 -19.29 25.47
CA CYS C 104 -14.21 -18.17 26.16
C CYS C 104 -12.92 -17.75 25.47
N GLY C 105 -12.62 -16.45 25.50
CA GLY C 105 -11.36 -15.94 24.99
C GLY C 105 -11.37 -14.44 25.02
N LYS C 106 -10.28 -13.82 25.46
CA LYS C 106 -10.20 -12.36 25.57
C LYS C 106 -10.24 -11.72 24.19
N GLU C 107 -9.62 -12.38 23.21
CA GLU C 107 -9.75 -11.97 21.82
C GLU C 107 -10.74 -12.89 21.10
N LYS C 108 -11.67 -12.29 20.36
CA LYS C 108 -12.69 -13.09 19.67
C LYS C 108 -12.63 -12.87 18.17
N VAL C 109 -12.82 -13.94 17.41
CA VAL C 109 -12.89 -13.85 15.96
C VAL C 109 -14.23 -14.40 15.47
N PHE C 110 -15.05 -13.53 14.89
CA PHE C 110 -16.32 -13.96 14.32
C PHE C 110 -16.21 -14.14 12.80
N TYR C 111 -16.29 -15.37 12.33
CA TYR C 111 -16.23 -15.62 10.89
C TYR C 111 -17.40 -16.51 10.51
N GLU C 112 -18.59 -15.92 10.52
CA GLU C 112 -19.79 -16.65 10.13
C GLU C 112 -20.91 -15.64 9.90
N GLY C 113 -22.04 -16.12 9.39
CA GLY C 113 -23.16 -15.25 9.14
C GLY C 113 -23.79 -15.53 7.79
N VAL C 114 -22.94 -15.98 6.86
CA VAL C 114 -23.36 -16.21 5.49
C VAL C 114 -24.47 -17.27 5.35
N ASN C 115 -24.53 -18.23 6.27
CA ASN C 115 -25.54 -19.29 6.18
C ASN C 115 -26.98 -18.82 6.41
N TRP C 116 -27.14 -17.56 6.86
CA TRP C 116 -28.44 -16.89 6.77
C TRP C 116 -28.26 -15.58 6.00
N SER C 117 -28.27 -15.70 4.68
CA SER C 117 -28.19 -14.57 3.75
C SER C 117 -29.46 -14.63 2.90
N PRO C 118 -29.68 -13.65 2.00
CA PRO C 118 -30.90 -13.78 1.19
C PRO C 118 -30.98 -15.08 0.39
N GLU C 119 -29.83 -15.70 0.11
CA GLU C 119 -29.78 -16.99 -0.58
C GLU C 119 -30.62 -18.08 0.11
N ALA C 120 -30.67 -18.04 1.44
CA ALA C 120 -31.34 -19.07 2.22
C ALA C 120 -32.83 -19.16 1.93
N GLY C 121 -33.42 -18.05 1.47
CA GLY C 121 -34.83 -18.00 1.16
C GLY C 121 -35.75 -18.32 2.33
N ILE C 122 -35.32 -17.98 3.54
CA ILE C 122 -36.15 -18.17 4.71
C ILE C 122 -37.21 -17.06 4.75
N ASP C 123 -38.48 -17.45 4.72
CA ASP C 123 -39.55 -16.47 4.74
C ASP C 123 -40.03 -16.21 6.17
N CYS C 124 -40.94 -17.07 6.66
CA CYS C 124 -41.45 -17.00 8.03
C CYS C 124 -41.96 -15.61 8.43
N PHE C 125 -42.65 -14.94 7.51
CA PHE C 125 -43.28 -13.63 7.73
C PHE C 125 -42.24 -12.52 7.88
N GLY C 126 -40.97 -12.80 7.59
CA GLY C 126 -39.91 -11.84 7.78
C GLY C 126 -40.11 -10.52 7.06
N SER C 127 -40.15 -9.44 7.82
CA SER C 127 -40.29 -8.11 7.24
C SER C 127 -39.06 -7.77 6.41
N ASN C 128 -37.89 -7.89 7.04
CA ASN C 128 -36.60 -7.65 6.40
C ASN C 128 -35.49 -8.33 7.20
N TRP C 129 -35.14 -9.55 6.82
CA TRP C 129 -34.20 -10.36 7.60
C TRP C 129 -32.81 -9.78 7.56
N THR C 130 -32.47 -9.10 6.47
CA THR C 130 -31.21 -8.39 6.36
C THR C 130 -31.13 -7.32 7.46
N GLN C 131 -32.26 -6.65 7.69
CA GLN C 131 -32.33 -5.66 8.75
C GLN C 131 -32.22 -6.32 10.12
N THR C 132 -32.96 -7.41 10.32
CA THR C 132 -32.89 -8.20 11.55
C THR C 132 -31.44 -8.63 11.80
N LYS C 133 -30.79 -9.17 10.77
CA LYS C 133 -29.39 -9.60 10.82
C LYS C 133 -28.45 -8.50 11.33
N LYS C 134 -28.51 -7.33 10.68
CA LYS C 134 -27.69 -6.19 11.07
C LYS C 134 -27.91 -5.80 12.54
N ASP C 135 -29.17 -5.77 12.96
CA ASP C 135 -29.49 -5.45 14.36
C ASP C 135 -28.98 -6.51 15.32
N PHE C 136 -29.18 -7.77 14.97
CA PHE C 136 -28.76 -8.88 15.81
C PHE C 136 -27.25 -8.87 16.03
N TYR C 137 -26.49 -8.78 14.95
CA TYR C 137 -25.03 -8.84 15.09
C TYR C 137 -24.50 -7.59 15.76
N SER C 138 -25.23 -6.49 15.63
CA SER C 138 -24.84 -5.25 16.32
C SER C 138 -24.86 -5.45 17.83
N ARG C 139 -25.93 -6.04 18.35
CA ARG C 139 -26.03 -6.23 19.80
C ARG C 139 -25.01 -7.28 20.27
N ILE C 140 -24.85 -8.35 19.49
CA ILE C 140 -23.86 -9.38 19.77
C ILE C 140 -22.46 -8.81 19.92
N TYR C 141 -22.02 -8.03 18.92
CA TYR C 141 -20.68 -7.47 18.90
C TYR C 141 -20.46 -6.53 20.09
N GLU C 142 -21.50 -5.77 20.43
CA GLU C 142 -21.42 -4.81 21.53
C GLU C 142 -21.30 -5.50 22.89
N ALA C 143 -22.03 -6.59 23.08
CA ALA C 143 -21.96 -7.35 24.32
C ALA C 143 -20.64 -8.08 24.42
N ALA C 144 -20.23 -8.70 23.31
CA ALA C 144 -19.02 -9.51 23.25
C ALA C 144 -17.75 -8.71 23.59
N ARG C 145 -17.76 -7.44 23.22
CA ARG C 145 -16.63 -6.51 23.44
C ARG C 145 -16.22 -6.41 24.92
N SER C 146 -17.21 -6.41 25.80
CA SER C 146 -16.99 -6.30 27.24
C SER C 146 -16.97 -7.66 27.94
N SER C 147 -17.12 -8.72 27.15
CA SER C 147 -17.30 -10.05 27.71
C SER C 147 -16.09 -10.94 27.46
N THR C 148 -15.85 -11.88 28.37
CA THR C 148 -14.78 -12.84 28.18
C THR C 148 -15.29 -14.05 27.42
N CYS C 149 -16.56 -14.38 27.64
CA CYS C 149 -17.18 -15.56 27.05
C CYS C 149 -18.50 -15.25 26.36
N MET C 150 -19.00 -16.26 25.66
CA MET C 150 -20.32 -16.20 25.03
C MET C 150 -20.88 -17.61 24.92
N THR C 151 -22.17 -17.74 25.15
CA THR C 151 -22.85 -18.99 24.88
C THR C 151 -24.27 -18.73 24.44
N LEU C 152 -24.73 -19.53 23.49
CA LEU C 152 -26.14 -19.61 23.19
C LEU C 152 -26.85 -20.10 24.43
N VAL C 153 -28.02 -19.54 24.70
CA VAL C 153 -28.92 -20.11 25.70
C VAL C 153 -30.07 -20.69 24.90
N ASN C 154 -30.12 -22.01 24.80
CA ASN C 154 -30.99 -22.66 23.83
C ASN C 154 -32.40 -22.93 24.35
N SER C 155 -32.64 -22.69 25.63
CA SER C 155 -34.02 -22.72 26.13
C SER C 155 -34.22 -21.81 27.34
N LEU C 156 -34.97 -20.73 27.12
CA LEU C 156 -35.39 -19.86 28.19
C LEU C 156 -36.57 -20.49 28.94
N ASP C 157 -36.64 -20.29 30.25
CA ASP C 157 -37.85 -20.69 30.98
C ASP C 157 -38.99 -19.74 30.62
N THR C 158 -40.11 -20.28 30.16
CA THR C 158 -41.23 -19.44 29.74
C THR C 158 -42.58 -20.00 30.22
N LYS C 159 -43.54 -19.11 30.49
CA LYS C 159 -44.88 -19.53 30.92
C LYS C 159 -45.96 -18.69 30.26
N ILE C 160 -46.93 -19.36 29.67
CA ILE C 160 -48.05 -18.72 28.98
C ILE C 160 -49.26 -18.70 29.91
N SER C 161 -50.08 -17.66 29.86
CA SER C 161 -51.26 -17.60 30.74
C SER C 161 -52.41 -18.46 30.20
N SER C 162 -52.54 -18.49 28.88
CA SER C 162 -53.64 -19.19 28.25
C SER C 162 -53.55 -20.72 28.38
N THR C 163 -54.71 -21.35 28.48
CA THR C 163 -54.82 -22.80 28.53
C THR C 163 -55.40 -23.34 27.23
N THR C 164 -55.71 -22.45 26.30
CA THR C 164 -56.29 -22.87 25.03
C THR C 164 -55.39 -22.54 23.84
N ALA C 165 -54.53 -21.54 24.00
CA ALA C 165 -53.65 -21.10 22.92
C ALA C 165 -52.71 -22.23 22.49
N THR C 166 -52.57 -22.38 21.17
CA THR C 166 -51.72 -23.43 20.62
C THR C 166 -50.58 -22.88 19.76
N ALA C 167 -49.57 -23.71 19.55
CA ALA C 167 -48.37 -23.30 18.83
C ALA C 167 -48.69 -22.88 17.40
N GLY C 168 -48.33 -21.67 17.03
CA GLY C 168 -48.58 -21.19 15.69
C GLY C 168 -47.78 -21.93 14.64
N THR C 169 -48.37 -22.08 13.46
CA THR C 169 -47.76 -22.81 12.35
C THR C 169 -48.06 -22.07 11.06
N ALA C 170 -47.06 -21.94 10.19
CA ALA C 170 -47.23 -21.11 8.99
C ALA C 170 -46.69 -21.79 7.73
N SER C 171 -47.40 -21.60 6.63
CA SER C 171 -46.96 -22.14 5.34
C SER C 171 -45.63 -21.56 4.91
N SER C 172 -45.49 -20.24 5.07
CA SER C 172 -44.28 -19.55 4.61
C SER C 172 -43.10 -19.81 5.55
N CYS C 173 -43.32 -20.65 6.56
CA CYS C 173 -42.25 -21.08 7.44
C CYS C 173 -42.22 -22.61 7.49
N SER C 174 -42.17 -23.21 6.31
CA SER C 174 -42.03 -24.66 6.15
C SER C 174 -43.08 -25.44 6.95
N SER C 175 -44.29 -24.91 7.02
CA SER C 175 -45.41 -25.53 7.73
C SER C 175 -45.12 -25.74 9.21
N SER C 176 -44.35 -24.83 9.80
CA SER C 176 -44.09 -24.84 11.24
C SER C 176 -43.58 -23.48 11.65
N TRP C 177 -42.66 -23.42 12.60
CA TRP C 177 -42.21 -22.13 13.10
C TRP C 177 -40.77 -22.15 13.66
N MET C 178 -40.22 -20.97 13.90
CA MET C 178 -38.93 -20.80 14.58
C MET C 178 -38.87 -21.53 15.91
N LYS C 179 -37.65 -21.80 16.39
CA LYS C 179 -37.45 -22.26 17.75
C LYS C 179 -37.64 -21.08 18.69
N SER C 180 -37.25 -19.89 18.22
CA SER C 180 -37.41 -18.66 18.97
C SER C 180 -37.69 -17.50 18.01
N PRO C 181 -38.73 -16.71 18.27
CA PRO C 181 -39.68 -16.82 19.39
C PRO C 181 -40.68 -17.95 19.26
N LEU C 182 -41.26 -18.36 20.38
CA LEU C 182 -42.44 -19.20 20.34
C LEU C 182 -43.63 -18.36 19.86
N TRP C 183 -44.46 -18.97 19.02
CA TRP C 183 -45.67 -18.34 18.53
C TRP C 183 -46.90 -19.07 19.06
N TYR C 184 -47.69 -18.41 19.90
CA TYR C 184 -48.91 -19.02 20.45
C TYR C 184 -50.17 -18.42 19.84
N ALA C 185 -51.05 -19.29 19.35
CA ALA C 185 -52.26 -18.87 18.67
C ALA C 185 -53.51 -19.37 19.37
N GLU C 186 -54.43 -18.45 19.67
CA GLU C 186 -55.76 -18.82 20.15
C GLU C 186 -56.63 -19.18 18.95
N SER C 187 -56.88 -20.47 18.77
CA SER C 187 -57.59 -20.94 17.58
C SER C 187 -59.10 -20.79 17.72
N SER C 188 -59.55 -20.26 18.86
CA SER C 188 -60.97 -20.05 19.08
C SER C 188 -61.34 -18.57 18.99
N VAL C 189 -60.36 -17.71 18.69
CA VAL C 189 -60.66 -16.31 18.43
C VAL C 189 -61.17 -16.17 16.99
N ASN C 190 -62.42 -15.74 16.85
CA ASN C 190 -63.11 -15.74 15.56
C ASN C 190 -64.06 -14.56 15.42
N PRO C 191 -63.67 -13.58 14.59
CA PRO C 191 -64.47 -12.35 14.43
C PRO C 191 -65.85 -12.38 13.69
N PRO C 195 -69.49 -15.26 14.87
CA PRO C 195 -69.23 -13.82 14.95
C PRO C 195 -70.09 -13.14 16.00
N GLN C 196 -69.46 -12.47 16.96
CA GLN C 196 -68.05 -12.38 17.00
C GLN C 196 -67.46 -12.94 18.27
N VAL C 197 -66.24 -13.36 18.11
CA VAL C 197 -65.58 -14.18 19.12
C VAL C 197 -64.26 -13.55 19.56
N CYS C 198 -64.35 -12.55 20.44
CA CYS C 198 -63.16 -11.87 20.93
C CYS C 198 -62.69 -12.53 22.21
N GLY C 199 -61.59 -13.27 22.14
CA GLY C 199 -61.11 -14.02 23.29
C GLY C 199 -60.54 -13.14 24.39
N THR C 200 -59.80 -13.77 25.28
CA THR C 200 -59.16 -13.07 26.40
C THR C 200 -57.69 -12.75 26.07
N GLU C 201 -57.25 -11.57 26.49
CA GLU C 201 -55.87 -11.12 26.31
C GLU C 201 -54.85 -12.18 26.72
N GLN C 202 -53.81 -12.34 25.91
CA GLN C 202 -52.75 -13.29 26.21
C GLN C 202 -51.62 -12.66 27.01
N SER C 203 -51.08 -13.43 27.94
CA SER C 203 -50.01 -12.99 28.84
C SER C 203 -48.94 -14.07 28.91
N ALA C 204 -47.70 -13.67 29.19
CA ALA C 204 -46.59 -14.63 29.32
C ALA C 204 -45.42 -14.01 30.07
N THR C 205 -44.56 -14.86 30.61
CA THR C 205 -43.29 -14.40 31.16
C THR C 205 -42.15 -15.24 30.63
N PHE C 206 -40.97 -14.64 30.52
CA PHE C 206 -39.77 -15.35 30.11
C PHE C 206 -38.61 -14.94 31.00
N THR C 207 -37.77 -15.89 31.34
CA THR C 207 -36.72 -15.63 32.32
C THR C 207 -35.34 -15.66 31.70
N LEU C 208 -34.58 -14.58 31.91
CA LEU C 208 -33.20 -14.52 31.48
C LEU C 208 -32.32 -14.91 32.66
N PRO C 209 -31.68 -16.08 32.57
CA PRO C 209 -30.96 -16.70 33.69
C PRO C 209 -29.70 -15.95 34.07
N THR C 210 -29.20 -16.18 35.28
CA THR C 210 -27.99 -15.53 35.74
C THR C 210 -26.76 -16.38 35.38
N SER C 211 -27.02 -17.59 34.89
CA SER C 211 -25.96 -18.48 34.43
C SER C 211 -26.52 -19.50 33.45
N PHE C 212 -25.63 -20.14 32.70
CA PHE C 212 -26.01 -21.21 31.79
C PHE C 212 -24.87 -22.21 31.68
N GLY C 213 -25.06 -23.39 32.27
CA GLY C 213 -23.97 -24.34 32.41
C GLY C 213 -22.87 -23.68 33.21
N ILE C 214 -21.66 -23.70 32.68
CA ILE C 214 -20.49 -23.10 33.31
C ILE C 214 -20.41 -21.58 33.10
N TYR C 215 -21.27 -21.05 32.24
CA TYR C 215 -21.17 -19.64 31.87
C TYR C 215 -21.98 -18.70 32.78
N LYS C 216 -21.33 -17.62 33.20
CA LYS C 216 -21.98 -16.59 33.98
C LYS C 216 -22.62 -15.57 33.06
N CYS C 217 -23.87 -15.23 33.32
CA CYS C 217 -24.58 -14.28 32.48
C CYS C 217 -24.76 -12.94 33.18
N ASN C 218 -24.06 -11.92 32.69
CA ASN C 218 -24.32 -10.56 33.16
C ASN C 218 -25.24 -9.84 32.20
N LYS C 219 -25.16 -10.20 30.92
CA LYS C 219 -25.96 -9.59 29.87
C LYS C 219 -26.55 -10.66 28.93
N HIS C 220 -27.71 -10.38 28.35
CA HIS C 220 -28.33 -11.25 27.35
C HIS C 220 -28.69 -10.48 26.10
N VAL C 221 -28.44 -11.05 24.93
CA VAL C 221 -28.97 -10.50 23.69
C VAL C 221 -30.23 -11.28 23.32
N VAL C 222 -31.37 -10.59 23.30
CA VAL C 222 -32.65 -11.22 22.98
C VAL C 222 -33.34 -10.47 21.86
N GLN C 223 -34.31 -11.11 21.22
CA GLN C 223 -35.18 -10.42 20.28
C GLN C 223 -36.55 -10.20 20.90
N LEU C 224 -37.10 -9.02 20.67
CA LEU C 224 -38.44 -8.70 21.16
C LEU C 224 -39.36 -8.53 19.96
N CYS C 225 -39.79 -9.65 19.40
CA CYS C 225 -40.52 -9.62 18.13
C CYS C 225 -41.97 -9.16 18.32
N TYR C 226 -42.59 -8.74 17.22
CA TYR C 226 -43.99 -8.35 17.18
C TYR C 226 -44.48 -8.48 15.75
N PHE C 227 -45.77 -8.77 15.57
CA PHE C 227 -46.34 -8.83 14.23
C PHE C 227 -46.66 -7.42 13.74
N VAL C 228 -46.52 -7.20 12.44
CA VAL C 228 -46.86 -5.91 11.83
C VAL C 228 -48.02 -6.08 10.85
N TYR C 229 -49.11 -5.36 11.10
CA TYR C 229 -50.28 -5.44 10.22
C TYR C 229 -50.48 -4.17 9.39
N GLU C 230 -51.13 -4.34 8.23
CA GLU C 230 -51.41 -3.23 7.33
C GLU C 230 -52.30 -2.17 7.98
N ASN C 231 -53.38 -2.64 8.61
CA ASN C 231 -54.33 -1.79 9.33
C ASN C 231 -55.23 -2.62 10.24
N PHE C 235 -56.29 -6.33 10.36
CA PHE C 235 -56.06 -7.17 11.54
C PHE C 235 -57.32 -7.86 12.01
N ASN C 236 -58.48 -7.27 11.71
CA ASN C 236 -59.74 -7.79 12.22
C ASN C 236 -60.20 -9.05 11.50
N THR C 237 -59.38 -9.55 10.59
CA THR C 237 -59.62 -10.85 9.97
C THR C 237 -59.15 -11.96 10.93
N PHE C 238 -58.29 -11.59 11.86
CA PHE C 238 -57.71 -12.57 12.79
C PHE C 238 -58.10 -12.29 14.24
N GLY C 239 -58.05 -11.02 14.63
CA GLY C 239 -58.36 -10.65 16.00
C GLY C 239 -59.29 -9.46 16.12
N CYS C 240 -59.99 -9.38 17.25
CA CYS C 240 -60.86 -8.25 17.53
C CYS C 240 -60.04 -7.13 18.14
N GLY C 241 -60.57 -5.92 18.09
CA GLY C 241 -59.86 -4.77 18.60
C GLY C 241 -58.69 -4.44 17.70
N ASP C 242 -57.63 -3.91 18.29
CA ASP C 242 -56.40 -3.63 17.56
C ASP C 242 -55.33 -4.63 17.95
N TYR C 243 -54.35 -4.83 17.06
CA TYR C 243 -53.18 -5.63 17.42
C TYR C 243 -52.32 -4.92 18.46
N TYR C 244 -51.78 -5.68 19.41
CA TYR C 244 -50.73 -5.17 20.29
C TYR C 244 -49.91 -6.31 20.88
N GLN C 245 -48.64 -6.04 21.12
CA GLN C 245 -47.75 -6.96 21.82
C GLN C 245 -46.74 -6.14 22.60
N ASN C 246 -46.86 -6.13 23.93
CA ASN C 246 -45.99 -5.32 24.77
C ASN C 246 -45.10 -6.14 25.70
N TYR C 247 -43.86 -5.69 25.86
CA TYR C 247 -42.90 -6.34 26.74
C TYR C 247 -42.62 -5.47 27.97
N TYR C 248 -42.59 -6.07 29.15
CA TYR C 248 -42.34 -5.30 30.38
C TYR C 248 -41.24 -5.92 31.24
N ASP C 249 -40.46 -5.08 31.92
CA ASP C 249 -39.53 -5.60 32.92
C ASP C 249 -40.25 -5.89 34.24
N GLY C 250 -39.47 -6.19 35.27
CA GLY C 250 -40.04 -6.56 36.57
C GLY C 250 -40.84 -5.43 37.21
N ASN C 251 -40.39 -4.20 36.99
CA ASN C 251 -41.00 -3.02 37.60
C ASN C 251 -42.26 -2.56 36.91
N GLY C 252 -42.50 -3.07 35.69
CA GLY C 252 -43.67 -2.69 34.93
C GLY C 252 -43.36 -1.77 33.77
N ASN C 253 -42.09 -1.47 33.56
CA ASN C 253 -41.66 -0.60 32.48
C ASN C 253 -41.74 -1.25 31.10
N LEU C 254 -42.31 -0.52 30.14
CA LEU C 254 -42.33 -0.95 28.74
C LEU C 254 -40.92 -0.95 28.15
N ILE C 255 -40.52 -2.04 27.50
CA ILE C 255 -39.17 -2.16 26.94
C ILE C 255 -39.14 -2.58 25.47
N GLY C 256 -40.29 -2.89 24.90
CA GLY C 256 -40.35 -3.26 23.50
C GLY C 256 -41.74 -3.63 22.99
N GLY C 257 -41.82 -4.08 21.76
CA GLY C 257 -43.07 -4.49 21.17
C GLY C 257 -43.70 -3.45 20.27
N MET C 258 -44.98 -3.63 19.99
CA MET C 258 -45.75 -2.67 19.20
C MET C 258 -47.20 -2.66 19.67
N ASP C 259 -47.66 -1.47 20.07
CA ASP C 259 -49.01 -1.26 20.59
C ASP C 259 -49.84 -0.43 19.62
N ASN C 260 -50.62 -1.09 18.76
CA ASN C 260 -51.45 -0.37 17.78
C ASN C 260 -52.73 0.19 18.40
N ARG C 261 -52.65 0.60 19.66
CA ARG C 261 -53.71 1.37 20.29
C ARG C 261 -53.15 2.75 20.62
N VAL C 262 -51.85 2.91 20.37
CA VAL C 262 -51.16 4.18 20.61
C VAL C 262 -50.35 4.56 19.37
N ALA C 263 -50.02 3.58 18.55
CA ALA C 263 -49.14 3.79 17.40
C ALA C 263 -49.77 3.33 16.10
N ALA C 264 -49.54 4.11 15.04
CA ALA C 264 -50.12 3.84 13.74
C ALA C 264 -49.69 2.51 13.14
N TYR C 265 -50.56 1.89 12.37
CA TYR C 265 -50.18 0.74 11.56
C TYR C 265 -49.22 1.21 10.47
N ARG C 266 -48.15 0.46 10.28
CA ARG C 266 -47.14 0.83 9.29
C ARG C 266 -46.71 -0.39 8.48
N GLY C 267 -47.60 -1.36 8.34
CA GLY C 267 -47.36 -2.49 7.47
C GLY C 267 -47.47 -2.06 6.02
N ILE C 268 -46.36 -2.20 5.27
CA ILE C 268 -46.30 -1.86 3.85
C ILE C 268 -47.50 -2.47 3.10
N ALA C 269 -48.21 -1.63 2.35
CA ALA C 269 -49.54 -1.94 1.83
C ALA C 269 -49.65 -3.29 1.10
N ASN C 270 -50.72 -4.01 1.42
CA ASN C 270 -51.05 -5.31 0.81
C ASN C 270 -50.03 -6.44 1.03
N ALA C 271 -48.92 -6.14 1.69
CA ALA C 271 -47.86 -7.13 1.90
C ALA C 271 -48.26 -8.28 2.79
N GLY C 272 -49.35 -8.11 3.54
CA GLY C 272 -49.76 -9.10 4.52
C GLY C 272 -49.04 -8.89 5.84
N VAL C 273 -49.32 -9.74 6.82
CA VAL C 273 -48.69 -9.60 8.13
C VAL C 273 -47.21 -9.96 8.04
N LYS C 274 -46.39 -9.18 8.72
CA LYS C 274 -44.97 -9.46 8.82
C LYS C 274 -44.56 -9.50 10.28
N ILE C 275 -43.35 -10.00 10.52
CA ILE C 275 -42.79 -10.00 11.86
C ILE C 275 -41.51 -9.15 11.86
N GLU C 276 -41.37 -8.27 12.85
CA GLU C 276 -40.12 -7.56 13.04
C GLU C 276 -39.47 -8.11 14.29
N CYS C 277 -38.15 -8.22 14.29
CA CYS C 277 -37.44 -8.88 15.39
C CYS C 277 -36.19 -8.14 15.83
N PRO C 278 -36.36 -6.94 16.39
CA PRO C 278 -35.21 -6.16 16.86
C PRO C 278 -34.55 -6.82 18.06
N SER C 279 -33.24 -6.73 18.13
CA SER C 279 -32.50 -7.32 19.23
C SER C 279 -32.22 -6.27 20.28
N LYS C 280 -32.26 -6.69 21.55
CA LYS C 280 -31.98 -5.81 22.67
C LYS C 280 -31.01 -6.50 23.62
N ILE C 281 -30.20 -5.70 24.31
CA ILE C 281 -29.37 -6.20 25.39
C ILE C 281 -30.10 -6.01 26.71
N LEU C 282 -30.44 -7.11 27.38
CA LEU C 282 -31.17 -7.06 28.64
C LEU C 282 -30.39 -7.72 29.78
N ASN C 283 -30.71 -7.33 31.02
CA ASN C 283 -30.13 -7.94 32.20
C ASN C 283 -30.85 -9.23 32.55
N PRO C 284 -30.17 -10.14 33.26
CA PRO C 284 -30.84 -11.35 33.75
C PRO C 284 -32.06 -10.95 34.56
N GLY C 285 -33.13 -11.73 34.49
CA GLY C 285 -34.32 -11.44 35.26
C GLY C 285 -35.54 -12.01 34.61
N THR C 286 -36.71 -11.64 35.12
CA THR C 286 -37.98 -12.13 34.60
C THR C 286 -38.74 -10.99 33.94
N TYR C 287 -39.27 -11.24 32.75
CA TYR C 287 -39.92 -10.20 31.97
C TYR C 287 -41.35 -10.59 31.60
N SER C 288 -42.21 -9.59 31.45
CA SER C 288 -43.63 -9.83 31.17
C SER C 288 -44.01 -9.47 29.75
N ILE C 289 -45.03 -10.15 29.24
CA ILE C 289 -45.59 -9.85 27.93
C ILE C 289 -47.12 -9.78 27.99
N LYS C 290 -47.71 -8.87 27.22
CA LYS C 290 -49.15 -8.81 27.01
C LYS C 290 -49.45 -8.65 25.52
N SER C 291 -50.46 -9.35 25.02
CA SER C 291 -50.80 -9.24 23.60
C SER C 291 -52.28 -9.49 23.28
N THR C 292 -52.68 -9.12 22.06
CA THR C 292 -54.03 -9.38 21.57
C THR C 292 -54.33 -10.89 21.69
N PRO C 293 -55.59 -11.22 22.00
CA PRO C 293 -55.97 -12.62 22.27
C PRO C 293 -55.51 -13.61 21.21
N ARG C 294 -55.60 -13.24 19.94
CA ARG C 294 -55.30 -14.17 18.85
C ARG C 294 -53.85 -14.65 18.81
N PHE C 295 -52.90 -13.74 18.89
CA PHE C 295 -51.48 -14.06 18.68
C PHE C 295 -50.54 -13.56 19.77
N LEU C 296 -49.69 -14.45 20.26
CA LEU C 296 -48.68 -14.12 21.26
C LEU C 296 -47.27 -14.56 20.82
N LEU C 297 -46.27 -13.75 21.12
CA LEU C 297 -44.88 -14.10 20.81
C LEU C 297 -44.01 -14.09 22.08
N VAL C 298 -43.28 -15.18 22.28
CA VAL C 298 -42.43 -15.31 23.47
C VAL C 298 -40.98 -15.62 23.08
N PRO C 299 -40.04 -14.76 23.49
CA PRO C 299 -38.63 -15.11 23.30
C PRO C 299 -38.34 -16.47 23.97
N LYS C 300 -37.44 -17.24 23.38
CA LYS C 300 -37.21 -18.60 23.85
C LYS C 300 -35.71 -18.89 23.87
N ARG C 301 -34.93 -17.98 23.29
CA ARG C 301 -33.48 -18.09 23.26
C ARG C 301 -32.80 -16.74 23.49
N SER C 302 -31.52 -16.79 23.85
CA SER C 302 -30.70 -15.60 23.98
C SER C 302 -29.23 -15.97 23.78
N TYR C 303 -28.36 -14.95 23.75
CA TYR C 303 -26.93 -15.18 23.89
C TYR C 303 -26.49 -14.61 25.23
N CYS C 304 -25.80 -15.43 26.01
CA CYS C 304 -25.35 -15.05 27.34
C CYS C 304 -23.93 -14.53 27.31
N PHE C 305 -23.72 -13.32 27.86
CA PHE C 305 -22.38 -12.74 27.94
C PHE C 305 -22.07 -12.38 29.39
N ASP C 306 -20.80 -12.27 29.74
CA ASP C 306 -20.41 -11.78 31.05
C ASP C 306 -19.89 -10.33 30.94
N THR C 307 -19.47 -9.76 32.07
CA THR C 307 -18.87 -8.44 32.06
C THR C 307 -17.50 -8.48 32.73
N ASP C 308 -16.76 -9.56 32.49
CA ASP C 308 -15.42 -9.71 33.05
C ASP C 308 -14.37 -9.09 32.15
N GLY C 309 -14.80 -8.37 31.12
CA GLY C 309 -13.88 -7.66 30.26
C GLY C 309 -13.46 -8.49 29.06
N GLY C 310 -13.14 -7.81 27.97
CA GLY C 310 -12.60 -8.45 26.78
C GLY C 310 -11.85 -7.44 25.94
N TYR C 311 -11.25 -7.91 24.86
CA TYR C 311 -10.59 -7.02 23.91
C TYR C 311 -11.54 -6.60 22.78
N PRO C 312 -11.14 -5.59 21.98
CA PRO C 312 -11.82 -5.39 20.70
C PRO C 312 -11.89 -6.68 19.89
N ILE C 313 -13.03 -6.90 19.23
CA ILE C 313 -13.26 -8.13 18.48
C ILE C 313 -12.94 -7.98 17.00
N GLN C 314 -12.68 -9.11 16.35
CA GLN C 314 -12.50 -9.13 14.91
C GLN C 314 -13.67 -9.87 14.29
N VAL C 315 -14.30 -9.22 13.31
CA VAL C 315 -15.38 -9.79 12.53
C VAL C 315 -14.90 -9.96 11.09
N VAL C 316 -14.98 -11.18 10.59
CA VAL C 316 -14.53 -11.49 9.24
C VAL C 316 -15.71 -11.53 8.27
N GLN C 317 -15.55 -10.82 7.15
CA GLN C 317 -16.55 -10.80 6.08
C GLN C 317 -17.05 -12.20 5.79
N SER C 318 -18.37 -12.37 5.74
CA SER C 318 -18.96 -13.68 5.53
C SER C 318 -19.97 -13.64 4.40
N GLU C 319 -19.48 -13.87 3.19
CA GLU C 319 -20.33 -13.79 2.00
C GLU C 319 -20.12 -15.04 1.13
N TRP C 320 -21.09 -15.30 0.26
CA TRP C 320 -20.96 -16.39 -0.71
C TRP C 320 -20.10 -15.92 -1.87
N SER C 321 -19.79 -16.85 -2.77
CA SER C 321 -19.21 -16.51 -4.06
C SER C 321 -20.22 -15.71 -4.87
N ALA C 322 -19.77 -15.12 -5.98
CA ALA C 322 -20.60 -14.26 -6.83
C ALA C 322 -21.91 -14.90 -7.27
N SER C 323 -21.92 -16.22 -7.43
CA SER C 323 -23.09 -16.93 -7.92
C SER C 323 -24.31 -16.83 -6.99
N ARG C 324 -24.08 -16.72 -5.69
CA ARG C 324 -25.18 -16.71 -4.73
C ARG C 324 -25.51 -15.32 -4.20
N ARG C 325 -26.67 -15.19 -3.57
CA ARG C 325 -27.12 -13.89 -3.06
C ARG C 325 -26.67 -13.62 -1.63
N SER C 326 -25.78 -12.64 -1.47
CA SER C 326 -25.23 -12.30 -0.16
C SER C 326 -25.80 -11.03 0.47
N ASP C 327 -25.21 -10.66 1.61
CA ASP C 327 -25.47 -9.36 2.22
C ASP C 327 -24.22 -8.93 2.97
N ASN C 328 -24.11 -7.64 3.28
CA ASN C 328 -23.00 -7.17 4.10
C ASN C 328 -23.47 -6.67 5.48
N ALA C 329 -24.47 -7.36 6.05
CA ALA C 329 -25.07 -6.92 7.31
C ALA C 329 -24.09 -7.01 8.49
N THR C 330 -23.26 -8.05 8.54
CA THR C 330 -22.29 -8.13 9.63
C THR C 330 -21.21 -7.06 9.45
N GLU C 331 -20.95 -6.67 8.21
CA GLU C 331 -19.96 -5.63 7.95
C GLU C 331 -20.40 -4.29 8.54
N GLU C 332 -21.62 -3.89 8.20
CA GLU C 332 -22.15 -2.62 8.65
C GLU C 332 -22.37 -2.62 10.15
N ALA C 333 -22.77 -3.77 10.69
CA ALA C 333 -22.96 -3.92 12.12
C ALA C 333 -21.65 -3.72 12.84
N CYS C 334 -20.59 -4.29 12.28
CA CYS C 334 -19.26 -4.13 12.85
C CYS C 334 -18.79 -2.67 12.82
N LEU C 335 -19.07 -1.99 11.70
CA LEU C 335 -18.69 -0.60 11.49
C LEU C 335 -19.43 0.37 12.43
N GLN C 336 -20.65 0.03 12.81
CA GLN C 336 -21.43 0.93 13.64
C GLN C 336 -21.30 0.56 15.12
N THR C 337 -20.35 -0.33 15.43
CA THR C 337 -20.21 -0.83 16.79
C THR C 337 -18.79 -0.62 17.32
N GLU C 338 -18.70 0.11 18.44
CA GLU C 338 -17.45 0.32 19.18
C GLU C 338 -16.68 -0.98 19.44
N GLY C 339 -15.36 -0.93 19.28
CA GLY C 339 -14.52 -2.06 19.62
C GLY C 339 -14.58 -3.20 18.62
N CYS C 340 -15.16 -2.94 17.45
CA CYS C 340 -15.26 -3.97 16.42
C CYS C 340 -14.34 -3.66 15.24
N ILE C 341 -13.48 -4.62 14.91
CA ILE C 341 -12.57 -4.52 13.78
C ILE C 341 -13.05 -5.44 12.65
N PHE C 342 -13.13 -4.91 11.44
CA PHE C 342 -13.64 -5.69 10.33
C PHE C 342 -12.53 -6.13 9.39
N ILE C 343 -12.55 -7.40 9.02
CA ILE C 343 -11.58 -7.96 8.06
C ILE C 343 -12.29 -8.27 6.75
N LYS C 344 -11.86 -7.61 5.69
CA LYS C 344 -12.56 -7.64 4.41
C LYS C 344 -11.67 -8.10 3.25
N LYS C 345 -12.21 -8.94 2.37
CA LYS C 345 -11.52 -9.30 1.13
C LYS C 345 -11.58 -8.19 0.06
N THR C 346 -10.61 -8.18 -0.84
CA THR C 346 -10.59 -7.20 -1.94
C THR C 346 -11.10 -7.81 -3.23
N THR C 347 -11.23 -9.14 -3.23
CA THR C 347 -11.70 -9.85 -4.42
C THR C 347 -12.91 -10.71 -4.06
N PRO C 348 -13.64 -11.19 -5.07
CA PRO C 348 -14.74 -12.08 -4.66
C PRO C 348 -14.24 -13.41 -4.10
N TYR C 349 -15.13 -14.10 -3.41
CA TYR C 349 -14.82 -15.41 -2.83
C TYR C 349 -14.82 -16.48 -3.93
N VAL C 350 -13.68 -17.13 -4.13
CA VAL C 350 -13.60 -18.27 -5.04
C VAL C 350 -12.94 -19.44 -4.33
N GLY C 351 -13.74 -20.46 -4.01
CA GLY C 351 -13.28 -21.57 -3.21
C GLY C 351 -12.55 -22.66 -3.97
N GLU C 352 -11.92 -23.58 -3.24
CA GLU C 352 -11.14 -24.68 -3.81
C GLU C 352 -11.97 -25.97 -3.86
N ALA C 353 -12.44 -26.42 -2.69
CA ALA C 353 -13.27 -27.62 -2.62
C ALA C 353 -14.53 -27.47 -3.47
N ASP C 354 -15.11 -26.28 -3.44
CA ASP C 354 -16.19 -25.90 -4.33
C ASP C 354 -16.16 -24.40 -4.39
N ASP C 355 -16.99 -23.80 -5.23
CA ASP C 355 -17.05 -22.34 -5.38
C ASP C 355 -17.09 -21.59 -4.05
N ASN C 356 -17.72 -22.19 -3.04
CA ASN C 356 -17.99 -21.44 -1.82
C ASN C 356 -17.12 -21.79 -0.62
N HIS C 357 -16.09 -22.62 -0.80
CA HIS C 357 -15.24 -23.01 0.32
C HIS C 357 -13.75 -23.09 0.01
N GLY C 358 -12.96 -22.32 0.76
CA GLY C 358 -11.51 -22.40 0.65
C GLY C 358 -10.96 -21.37 -0.32
N ASP C 359 -11.05 -20.11 0.08
CA ASP C 359 -10.65 -19.00 -0.76
C ASP C 359 -9.20 -18.58 -0.48
N ILE C 360 -8.42 -18.41 -1.55
CA ILE C 360 -6.99 -18.10 -1.42
C ILE C 360 -6.73 -16.79 -0.69
N GLU C 361 -7.45 -15.73 -1.05
CA GLU C 361 -7.23 -14.45 -0.41
C GLU C 361 -7.58 -14.53 1.07
N MET C 362 -8.69 -15.20 1.39
CA MET C 362 -9.15 -15.29 2.78
C MET C 362 -8.16 -16.09 3.60
N ARG C 363 -7.66 -17.19 3.01
CA ARG C 363 -6.63 -18.00 3.68
C ARG C 363 -5.44 -17.11 4.00
N GLN C 364 -5.10 -16.20 3.09
CA GLN C 364 -4.04 -15.23 3.35
C GLN C 364 -4.44 -14.24 4.45
N LEU C 365 -5.67 -13.73 4.41
CA LEU C 365 -6.10 -12.75 5.41
C LEU C 365 -6.26 -13.34 6.83
N LEU C 366 -6.51 -14.64 6.92
CA LEU C 366 -6.67 -15.29 8.22
C LEU C 366 -5.39 -16.00 8.69
N SER C 367 -4.38 -16.07 7.82
CA SER C 367 -3.15 -16.81 8.15
C SER C 367 -2.46 -16.25 9.41
N GLY C 368 -2.68 -14.98 9.74
CA GLY C 368 -2.08 -14.38 10.92
C GLY C 368 -2.54 -14.94 12.26
N LEU C 369 -3.55 -15.82 12.23
CA LEU C 369 -4.26 -16.22 13.44
C LEU C 369 -3.76 -17.35 14.39
N GLY C 370 -2.79 -18.18 14.06
CA GLY C 370 -1.80 -18.05 13.02
C GLY C 370 -0.45 -17.98 13.69
N ASN C 371 0.04 -16.75 13.86
CA ASN C 371 1.41 -16.48 14.28
C ASN C 371 1.63 -16.45 15.79
N ASN C 372 2.89 -16.58 16.18
CA ASN C 372 3.25 -16.59 17.59
C ASN C 372 3.86 -15.26 18.04
N ASP C 373 3.98 -14.32 17.10
CA ASP C 373 4.75 -13.10 17.35
C ASP C 373 4.00 -11.80 17.00
N THR C 374 2.67 -11.83 17.02
CA THR C 374 1.88 -10.62 16.85
C THR C 374 1.74 -9.87 18.18
N VAL C 375 2.04 -8.57 18.20
CA VAL C 375 1.92 -7.77 19.43
C VAL C 375 0.80 -6.73 19.36
N CYS C 376 0.36 -6.37 18.16
CA CYS C 376 -0.66 -5.35 17.99
C CYS C 376 -1.68 -5.78 16.94
N VAL C 377 -2.96 -5.66 17.26
CA VAL C 377 -4.02 -5.87 16.28
C VAL C 377 -4.80 -4.58 16.08
N SER C 378 -4.96 -4.14 14.83
CA SER C 378 -5.64 -2.90 14.52
C SER C 378 -6.59 -3.05 13.33
N GLN C 379 -7.34 -1.99 13.06
CA GLN C 379 -8.20 -1.96 11.87
C GLN C 379 -7.36 -1.81 10.60
N SER C 380 -6.13 -1.32 10.75
CA SER C 380 -5.22 -1.18 9.62
C SER C 380 -4.50 -2.50 9.33
N GLY C 381 -4.47 -3.36 10.33
CA GLY C 381 -3.76 -4.62 10.24
C GLY C 381 -3.05 -4.95 11.54
N TYR C 382 -2.10 -5.87 11.46
CA TYR C 382 -1.43 -6.35 12.67
C TYR C 382 0.09 -6.30 12.51
N THR C 383 0.79 -6.16 13.64
CA THR C 383 2.22 -5.93 13.58
C THR C 383 3.00 -6.82 14.54
N LYS C 384 4.28 -6.97 14.24
CA LYS C 384 5.23 -7.54 15.19
C LYS C 384 5.90 -6.42 15.97
N GLY C 385 6.58 -6.78 17.06
CA GLY C 385 7.26 -5.80 17.89
C GLY C 385 8.70 -5.56 17.51
N GLU C 386 8.93 -5.14 16.27
CA GLU C 386 10.28 -4.83 15.78
C GLU C 386 10.74 -3.42 16.16
N THR C 387 9.91 -2.42 15.90
CA THR C 387 10.18 -1.05 16.31
C THR C 387 8.93 -0.44 16.92
N PRO C 388 9.08 0.68 17.63
CA PRO C 388 7.89 1.36 18.17
C PRO C 388 7.15 2.23 17.14
N PHE C 389 7.60 2.25 15.89
CA PHE C 389 7.02 3.21 14.94
C PHE C 389 6.44 2.58 13.66
N VAL C 390 5.48 3.29 13.09
CA VAL C 390 4.92 2.93 11.78
C VAL C 390 4.88 4.14 10.85
N LYS C 391 4.89 3.86 9.55
CA LYS C 391 4.85 4.91 8.53
C LYS C 391 3.51 5.64 8.56
N ASP C 392 2.43 4.89 8.68
CA ASP C 392 1.10 5.48 8.78
C ASP C 392 0.42 5.10 10.08
N TYR C 393 -0.61 5.86 10.46
CA TYR C 393 -1.36 5.55 11.66
C TYR C 393 -1.94 4.15 11.62
N LEU C 394 -1.97 3.51 12.78
CA LEU C 394 -2.74 2.31 12.96
C LEU C 394 -4.15 2.73 13.35
N SER C 395 -5.09 2.53 12.44
CA SER C 395 -6.45 2.98 12.67
C SER C 395 -7.07 2.16 13.79
N PRO C 396 -7.86 2.83 14.63
CA PRO C 396 -8.66 2.15 15.66
C PRO C 396 -9.91 1.50 15.03
N PRO C 397 -10.55 0.55 15.73
CA PRO C 397 -10.15 0.02 17.03
C PRO C 397 -8.85 -0.78 16.95
N LYS C 398 -8.15 -0.88 18.06
CA LYS C 398 -6.87 -1.56 18.09
C LYS C 398 -6.47 -1.83 19.53
N TYR C 399 -5.58 -2.80 19.73
CA TYR C 399 -5.14 -3.13 21.07
C TYR C 399 -3.78 -3.84 21.02
N GLY C 400 -3.05 -3.80 22.13
CA GLY C 400 -1.74 -4.43 22.21
C GLY C 400 -0.62 -3.41 22.23
N ARG C 401 0.59 -3.88 21.94
CA ARG C 401 1.76 -3.01 21.92
C ARG C 401 1.83 -2.33 20.57
N CYS C 402 1.07 -1.25 20.43
CA CYS C 402 0.84 -0.66 19.13
C CYS C 402 1.82 0.47 18.82
N GLN C 403 2.37 0.41 17.61
CA GLN C 403 3.32 1.40 17.13
C GLN C 403 2.68 2.78 16.94
N LEU C 404 3.54 3.79 16.82
CA LEU C 404 3.13 5.16 16.63
C LEU C 404 3.67 5.74 15.33
N LYS C 405 2.92 6.64 14.72
CA LYS C 405 3.41 7.32 13.53
C LYS C 405 4.34 8.46 13.88
N THR C 406 5.52 8.44 13.30
CA THR C 406 6.41 9.57 13.35
C THR C 406 6.83 9.85 11.92
N ASP C 407 7.21 11.09 11.64
CA ASP C 407 7.69 11.45 10.31
C ASP C 407 9.08 10.87 10.07
N SER C 408 9.29 10.46 8.83
CA SER C 408 10.57 9.93 8.37
C SER C 408 11.75 10.76 8.87
N GLY C 409 11.64 12.08 8.75
CA GLY C 409 12.71 12.99 9.14
C GLY C 409 13.14 12.94 10.60
N ARG C 410 12.17 12.80 11.51
CA ARG C 410 12.45 12.91 12.94
C ARG C 410 13.16 11.69 13.52
N ILE C 411 13.54 10.74 12.65
CA ILE C 411 14.18 9.52 13.12
C ILE C 411 15.67 9.73 13.33
N PRO C 412 16.09 9.77 14.61
CA PRO C 412 17.48 10.10 14.95
C PRO C 412 18.45 8.98 14.58
N THR C 413 19.69 9.36 14.39
CA THR C 413 20.70 8.43 13.89
C THR C 413 21.93 8.34 14.80
N LEU C 414 22.79 7.38 14.49
CA LEU C 414 24.03 7.19 15.22
C LEU C 414 25.21 7.25 14.25
N PRO C 415 26.34 7.79 14.72
CA PRO C 415 27.53 7.84 13.85
C PRO C 415 28.05 6.44 13.54
N SER C 416 28.54 6.26 12.32
CA SER C 416 29.07 4.98 11.88
C SER C 416 30.22 5.22 10.91
N GLY C 417 30.84 4.12 10.46
CA GLY C 417 32.01 4.21 9.61
C GLY C 417 33.24 4.68 10.35
N LEU C 418 34.11 5.42 9.66
CA LEU C 418 35.29 6.02 10.26
C LEU C 418 34.86 7.14 11.18
N ILE C 419 35.40 7.13 12.40
CA ILE C 419 34.87 7.93 13.51
C ILE C 419 35.99 8.54 14.36
N ILE C 420 35.83 9.80 14.75
CA ILE C 420 36.84 10.52 15.54
C ILE C 420 36.21 11.26 16.72
N PRO C 421 36.76 11.06 17.93
CA PRO C 421 36.18 11.69 19.13
C PRO C 421 36.57 13.14 19.27
N GLN C 422 35.64 13.95 19.76
CA GLN C 422 35.89 15.37 19.97
C GLN C 422 35.33 15.82 21.32
N ALA C 423 36.21 16.38 22.14
CA ALA C 423 35.82 16.95 23.42
C ALA C 423 36.47 18.31 23.59
N GLY C 424 35.88 19.16 24.44
CA GLY C 424 36.44 20.47 24.70
C GLY C 424 36.19 21.40 23.54
N THR C 425 36.85 22.56 23.55
CA THR C 425 36.63 23.56 22.51
C THR C 425 37.64 23.46 21.37
N ASP C 426 38.81 22.90 21.67
CA ASP C 426 39.93 22.88 20.74
C ASP C 426 40.30 24.29 20.28
N SER C 427 39.99 25.28 21.10
CA SER C 427 40.23 26.69 20.77
C SER C 427 40.63 27.49 22.00
N PHE D 9 47.77 18.16 16.52
CA PHE D 9 48.28 18.61 17.80
C PHE D 9 48.08 17.51 18.86
N GLY D 10 47.95 16.28 18.40
CA GLY D 10 47.88 15.12 19.27
C GLY D 10 46.63 14.90 20.13
N LEU D 11 45.77 14.00 19.67
CA LEU D 11 44.72 13.33 20.48
C LEU D 11 43.79 14.17 21.37
N LEU D 12 44.17 15.38 21.74
CA LEU D 12 43.26 16.26 22.45
C LEU D 12 42.68 17.26 21.46
N PHE D 13 43.09 17.15 20.21
CA PHE D 13 42.69 18.11 19.19
C PHE D 13 42.21 17.43 17.90
N VAL D 14 41.23 18.03 17.24
CA VAL D 14 40.78 17.56 15.94
C VAL D 14 40.88 18.72 14.95
N GLY D 15 41.51 18.48 13.81
CA GLY D 15 41.74 19.53 12.83
C GLY D 15 40.92 19.39 11.56
N PHE D 16 40.83 20.48 10.80
CA PHE D 16 40.08 20.50 9.54
C PHE D 16 40.99 20.58 8.33
N VAL D 17 40.55 20.02 7.21
CA VAL D 17 41.27 20.14 5.94
C VAL D 17 40.28 20.36 4.80
N ALA D 18 40.69 21.18 3.83
CA ALA D 18 39.80 21.60 2.75
C ALA D 18 39.89 20.67 1.54
N GLY D 19 38.82 20.65 0.75
CA GLY D 19 38.78 19.98 -0.54
C GLY D 19 39.27 18.54 -0.59
N GLY D 20 40.48 18.35 -1.10
CA GLY D 20 41.12 17.06 -1.09
C GLY D 20 41.60 16.71 0.32
N VAL D 21 42.72 16.01 0.42
CA VAL D 21 43.32 15.62 1.70
C VAL D 21 42.41 14.70 2.52
N ALA D 22 42.78 13.42 2.62
CA ALA D 22 41.96 12.44 3.34
C ALA D 22 41.84 12.76 4.84
N GLY D 23 40.80 12.24 5.46
CA GLY D 23 40.60 12.43 6.89
C GLY D 23 40.88 11.16 7.66
N GLY D 24 41.17 11.29 8.95
CA GLY D 24 41.38 10.14 9.81
C GLY D 24 42.53 10.29 10.78
N TYR D 25 43.30 9.23 10.95
CA TYR D 25 44.41 9.23 11.89
C TYR D 25 45.74 9.12 11.15
N PHE D 26 46.66 10.05 11.45
CA PHE D 26 47.92 10.14 10.71
C PHE D 26 49.12 10.34 11.64
N TRP D 27 50.30 10.47 11.07
CA TRP D 27 51.52 10.73 11.84
C TRP D 27 52.09 12.12 11.57
N GLY D 28 52.30 12.89 12.62
CA GLY D 28 52.83 14.25 12.50
C GLY D 28 54.15 14.40 13.21
N ARG D 29 55.11 15.04 12.54
CA ARG D 29 56.45 15.16 13.11
C ARG D 29 56.88 16.62 13.32
N SER D 30 58.19 16.91 13.44
CA SER D 30 58.59 18.13 14.15
C SER D 30 59.74 19.02 13.67
N ASN D 31 60.69 19.21 14.59
CA ASN D 31 61.69 20.28 14.51
C ASN D 31 62.79 20.02 13.48
N GLY D 32 64.00 19.85 13.97
CA GLY D 32 65.15 19.56 13.12
C GLY D 32 66.28 20.57 13.26
N GLY D 33 66.27 21.58 12.41
CA GLY D 33 67.38 22.51 12.30
C GLY D 33 67.29 23.77 13.16
N GLY D 34 66.08 24.14 13.56
CA GLY D 34 65.87 25.34 14.34
C GLY D 34 65.98 26.59 13.48
N GLY D 35 64.86 27.03 12.92
CA GLY D 35 63.57 26.35 13.11
C GLY D 35 63.15 25.54 11.90
N GLY D 36 62.59 24.36 12.14
CA GLY D 36 62.15 23.48 11.07
C GLY D 36 60.89 23.99 10.38
N ALA D 37 60.05 23.05 9.94
CA ALA D 37 58.83 23.40 9.22
C ALA D 37 57.75 22.33 9.43
N SER D 38 58.19 21.20 9.97
CA SER D 38 57.33 20.09 10.38
C SER D 38 56.62 19.34 9.25
N VAL D 39 56.01 18.22 9.64
CA VAL D 39 55.54 17.20 8.72
C VAL D 39 54.17 16.64 9.12
N SER D 40 53.36 16.31 8.14
CA SER D 40 52.24 15.42 8.38
C SER D 40 52.28 14.36 7.31
N SER D 41 52.42 13.11 7.72
CA SER D 41 52.37 12.02 6.76
C SER D 41 50.96 11.91 6.20
N THR D 42 50.63 10.71 5.78
CA THR D 42 49.26 10.34 5.54
C THR D 42 49.27 8.87 5.89
N GLN D 43 48.10 8.32 6.21
CA GLN D 43 47.92 6.93 6.64
C GLN D 43 48.89 6.37 7.73
N ALA D 44 48.39 5.41 8.50
CA ALA D 44 49.21 4.69 9.46
C ALA D 44 48.67 3.28 9.69
N GLY D 45 49.49 2.42 10.28
CA GLY D 45 49.09 1.04 10.52
C GLY D 45 48.28 0.87 11.79
N PHE D 46 47.40 1.81 12.08
CA PHE D 46 46.60 1.75 13.30
C PHE D 46 45.38 0.85 13.19
N ASP D 47 45.61 -0.44 12.92
CA ASP D 47 44.49 -1.36 12.76
C ASP D 47 43.87 -1.69 14.12
N LYS D 48 44.55 -1.30 15.19
CA LYS D 48 43.98 -1.38 16.53
C LYS D 48 42.73 -0.51 16.61
N ILE D 49 42.83 0.69 16.04
CA ILE D 49 41.73 1.62 16.03
C ILE D 49 40.54 1.05 15.27
N GLY D 50 40.83 0.49 14.10
CA GLY D 50 39.80 -0.07 13.24
C GLY D 50 38.99 -1.13 13.94
N LYS D 51 39.69 -2.07 14.57
CA LYS D 51 39.04 -3.16 15.30
C LYS D 51 38.26 -2.59 16.48
N ASP D 52 38.84 -1.59 17.14
CA ASP D 52 38.19 -0.94 18.26
C ASP D 52 36.88 -0.27 17.83
N ILE D 53 36.92 0.46 16.73
CA ILE D 53 35.73 1.16 16.24
C ILE D 53 34.64 0.15 15.92
N GLN D 54 35.00 -0.93 15.25
CA GLN D 54 34.06 -1.97 14.87
C GLN D 54 33.42 -2.64 16.08
N GLN D 55 34.23 -2.97 17.07
CA GLN D 55 33.70 -3.53 18.29
C GLN D 55 32.79 -2.54 19.01
N LEU D 56 33.20 -1.27 19.04
CA LEU D 56 32.42 -0.27 19.76
C LEU D 56 31.05 -0.10 19.14
N ARG D 57 31.02 0.03 17.81
CA ARG D 57 29.77 0.26 17.11
C ARG D 57 28.85 -0.95 17.21
N ASN D 58 29.42 -2.15 17.25
CA ASN D 58 28.59 -3.32 17.44
C ASN D 58 27.97 -3.37 18.84
N ASP D 59 28.62 -2.73 19.80
CA ASP D 59 28.14 -2.69 21.17
C ASP D 59 26.93 -1.77 21.35
N THR D 60 26.64 -0.96 20.34
CA THR D 60 25.52 -0.03 20.44
C THR D 60 24.20 -0.76 20.25
N ASN D 61 24.26 -1.93 19.61
CA ASN D 61 23.08 -2.75 19.37
C ASN D 61 22.33 -3.11 20.64
N ALA D 62 23.06 -3.24 21.74
CA ALA D 62 22.45 -3.51 23.03
C ALA D 62 21.43 -2.43 23.39
N ALA D 63 21.88 -1.17 23.43
CA ALA D 63 21.00 -0.04 23.74
C ALA D 63 19.90 0.14 22.70
N ILE D 64 20.23 -0.12 21.45
CA ILE D 64 19.29 0.08 20.35
C ILE D 64 18.14 -0.91 20.40
N GLU D 65 18.48 -2.19 20.57
CA GLU D 65 17.48 -3.25 20.71
C GLU D 65 16.60 -3.04 21.95
N GLY D 66 17.20 -2.44 22.98
CA GLY D 66 16.47 -2.15 24.20
C GLY D 66 15.32 -1.20 23.93
N PHE D 67 15.63 -0.08 23.27
CA PHE D 67 14.60 0.89 22.91
C PHE D 67 13.56 0.30 21.98
N ASN D 68 14.02 -0.32 20.90
CA ASN D 68 13.15 -0.82 19.85
C ASN D 68 12.19 -1.91 20.33
N GLY D 69 12.51 -2.54 21.45
CA GLY D 69 11.69 -3.59 22.00
C GLY D 69 10.65 -3.14 22.99
N ARG D 70 10.69 -1.86 23.36
CA ARG D 70 9.74 -1.35 24.35
C ARG D 70 8.60 -0.58 23.68
N ILE D 71 7.42 -1.18 23.66
CA ILE D 71 6.27 -0.61 23.00
C ILE D 71 5.07 -0.65 23.96
N ALA D 72 4.48 0.51 24.22
CA ALA D 72 3.46 0.63 25.26
C ALA D 72 2.13 -0.03 24.88
N HIS D 73 1.56 -0.77 25.82
CA HIS D 73 0.26 -1.40 25.61
C HIS D 73 -0.80 -0.34 25.47
N ASP D 74 -1.85 -0.65 24.70
CA ASP D 74 -2.91 0.30 24.44
C ASP D 74 -4.20 -0.44 24.12
N GLU D 75 -5.33 0.23 24.25
CA GLU D 75 -6.59 -0.35 23.82
C GLU D 75 -7.54 0.77 23.45
N GLN D 76 -7.97 0.80 22.19
CA GLN D 76 -8.91 1.81 21.71
C GLN D 76 -10.11 1.15 21.03
N ALA D 77 -11.30 1.36 21.58
CA ALA D 77 -12.52 0.81 20.99
C ALA D 77 -13.16 1.76 19.99
N ILE D 78 -12.77 3.03 20.08
CA ILE D 78 -13.42 4.12 19.36
C ILE D 78 -13.02 4.05 17.88
N LYS D 79 -13.88 4.52 16.98
CA LYS D 79 -13.65 4.31 15.56
C LYS D 79 -12.86 5.42 14.84
N ASN D 80 -12.82 6.62 15.43
CA ASN D 80 -12.01 7.70 14.85
C ASN D 80 -10.61 7.75 15.43
N LEU D 81 -9.63 7.97 14.55
CA LEU D 81 -8.25 8.15 14.96
C LEU D 81 -8.11 9.36 15.88
N ALA D 82 -7.44 9.17 17.01
CA ALA D 82 -7.17 10.27 17.94
C ALA D 82 -5.80 10.86 17.61
N LYS D 83 -5.77 11.67 16.55
CA LYS D 83 -4.50 12.03 15.91
C LYS D 83 -3.56 12.80 16.84
N GLU D 84 -4.09 13.80 17.54
CA GLU D 84 -3.29 14.64 18.44
C GLU D 84 -2.71 13.85 19.60
N ILE D 85 -3.49 12.92 20.15
CA ILE D 85 -3.00 12.07 21.22
C ILE D 85 -1.90 11.19 20.66
N GLU D 86 -2.15 10.64 19.48
CA GLU D 86 -1.21 9.79 18.78
C GLU D 86 0.10 10.53 18.51
N ASP D 87 0.00 11.76 18.02
CA ASP D 87 1.18 12.58 17.77
C ASP D 87 1.92 12.98 19.04
N ALA D 88 1.19 13.18 20.12
CA ALA D 88 1.80 13.58 21.38
C ALA D 88 2.69 12.46 21.91
N ARG D 89 2.19 11.23 21.82
CA ARG D 89 2.93 10.06 22.29
C ARG D 89 4.17 9.80 21.46
N ALA D 90 4.06 9.98 20.15
CA ALA D 90 5.18 9.78 19.24
C ALA D 90 6.26 10.81 19.49
N GLU D 91 5.86 12.08 19.64
CA GLU D 91 6.80 13.15 19.92
C GLU D 91 7.55 12.91 21.22
N ALA D 92 6.83 12.45 22.24
CA ALA D 92 7.42 12.12 23.52
C ALA D 92 8.43 10.97 23.41
N LEU D 93 8.13 9.99 22.57
CA LEU D 93 9.00 8.83 22.43
C LEU D 93 10.25 9.18 21.63
N VAL D 94 10.07 9.96 20.57
CA VAL D 94 11.18 10.51 19.81
C VAL D 94 12.11 11.35 20.70
N GLY D 95 11.52 12.08 21.64
CA GLY D 95 12.29 12.91 22.56
C GLY D 95 13.09 12.05 23.52
N GLU D 96 12.49 10.96 23.98
CA GLU D 96 13.21 10.02 24.81
C GLU D 96 14.34 9.36 24.00
N LEU D 97 14.06 9.04 22.74
CA LEU D 97 15.06 8.42 21.90
C LEU D 97 16.25 9.35 21.66
N GLY D 98 15.99 10.66 21.59
CA GLY D 98 17.05 11.63 21.42
C GLY D 98 18.02 11.62 22.57
N ILE D 99 17.50 11.48 23.78
CA ILE D 99 18.31 11.39 24.98
C ILE D 99 19.21 10.16 24.97
N ILE D 100 18.62 9.02 24.63
CA ILE D 100 19.39 7.79 24.50
C ILE D 100 20.45 7.96 23.42
N ARG D 101 20.06 8.60 22.32
CA ARG D 101 20.99 8.95 21.25
C ARG D 101 22.20 9.72 21.77
N SER D 102 21.93 10.76 22.56
CA SER D 102 23.01 11.60 23.09
C SER D 102 23.90 10.84 24.06
N LEU D 103 23.32 9.90 24.80
CA LEU D 103 24.09 9.07 25.71
C LEU D 103 24.98 8.10 24.92
N ILE D 104 24.42 7.46 23.91
CA ILE D 104 25.20 6.50 23.12
C ILE D 104 26.38 7.18 22.41
N VAL D 105 26.15 8.38 21.88
CA VAL D 105 27.21 9.11 21.17
C VAL D 105 28.36 9.39 22.13
N ALA D 106 28.01 9.92 23.30
CA ALA D 106 28.99 10.20 24.35
C ALA D 106 29.73 8.93 24.74
N ASN D 107 28.98 7.84 24.89
CA ASN D 107 29.58 6.58 25.28
C ASN D 107 30.57 6.07 24.24
N ILE D 108 30.25 6.28 22.97
CA ILE D 108 31.14 5.89 21.89
C ILE D 108 32.38 6.79 21.91
N SER D 109 32.14 8.09 22.10
CA SER D 109 33.21 9.08 22.14
C SER D 109 34.24 8.76 23.20
N MET D 110 33.75 8.60 24.43
CA MET D 110 34.62 8.38 25.58
C MET D 110 35.39 7.06 25.43
N ASN D 111 34.73 6.02 24.94
CA ASN D 111 35.36 4.71 24.81
C ASN D 111 36.33 4.60 23.63
N LEU D 112 36.07 5.35 22.56
CA LEU D 112 37.03 5.43 21.47
C LEU D 112 38.24 6.24 21.91
N LYS D 113 37.99 7.32 22.65
CA LYS D 113 39.05 8.15 23.16
C LYS D 113 39.96 7.35 24.08
N GLU D 114 39.35 6.54 24.96
CA GLU D 114 40.11 5.71 25.88
C GLU D 114 40.91 4.63 25.15
N SER D 115 40.36 4.14 24.04
CA SER D 115 41.07 3.19 23.18
C SER D 115 42.27 3.86 22.52
N LEU D 116 42.12 5.13 22.14
CA LEU D 116 43.22 5.87 21.55
C LEU D 116 44.33 6.05 22.58
N TYR D 117 43.94 6.35 23.82
CA TYR D 117 44.88 6.42 24.93
C TYR D 117 45.61 5.09 25.11
N GLU D 118 44.90 3.99 24.86
CA GLU D 118 45.47 2.66 24.98
C GLU D 118 46.55 2.43 23.93
N LEU D 119 46.26 2.82 22.69
CA LEU D 119 47.23 2.70 21.60
C LEU D 119 48.50 3.48 21.93
N ALA D 120 48.33 4.75 22.31
CA ALA D 120 49.44 5.63 22.60
C ALA D 120 50.23 5.15 23.82
N ASN D 121 49.57 4.42 24.71
CA ASN D 121 50.24 3.86 25.88
C ASN D 121 51.12 2.67 25.50
N GLN D 122 50.70 1.92 24.49
CA GLN D 122 51.49 0.81 24.01
C GLN D 122 52.70 1.32 23.24
N ILE D 123 52.63 2.57 22.78
CA ILE D 123 53.74 3.18 22.07
C ILE D 123 54.79 3.69 23.05
N THR D 124 54.36 4.31 24.13
CA THR D 124 55.26 4.79 25.18
C THR D 124 56.06 3.65 25.78
N LYS D 125 55.36 2.56 26.09
CA LYS D 125 55.98 1.38 26.70
C LYS D 125 57.09 0.80 25.83
N ARG D 126 56.87 0.80 24.54
CA ARG D 126 57.80 0.17 23.62
C ARG D 126 59.09 0.98 23.46
N GLY D 127 58.98 2.30 23.43
CA GLY D 127 60.15 3.15 23.41
C GLY D 127 60.50 3.53 24.83
N GLY D 128 60.43 2.56 25.72
CA GLY D 128 60.46 2.84 27.13
C GLY D 128 61.84 2.87 27.76
N GLY D 129 62.20 4.01 28.34
CA GLY D 129 61.32 5.17 28.38
C GLY D 129 61.88 6.32 27.57
N ILE D 130 62.39 5.99 26.38
CA ILE D 130 62.96 6.98 25.47
C ILE D 130 61.84 7.89 24.97
N ALA D 131 60.65 7.31 24.85
CA ALA D 131 59.44 7.97 24.34
C ALA D 131 59.23 9.38 24.88
N GLN D 132 58.93 9.48 26.17
CA GLN D 132 58.64 10.77 26.85
C GLN D 132 57.38 11.42 26.29
N GLU D 133 56.30 11.36 27.08
CA GLU D 133 55.01 11.85 26.62
C GLU D 133 54.86 13.36 26.76
N ALA D 134 54.36 13.99 25.70
CA ALA D 134 54.00 15.40 25.75
C ALA D 134 52.49 15.53 25.62
N GLY D 135 51.78 14.96 26.59
CA GLY D 135 50.33 14.82 26.48
C GLY D 135 50.02 13.56 25.69
N PRO D 136 48.75 13.11 25.76
CA PRO D 136 48.34 11.87 25.07
C PRO D 136 48.49 11.96 23.55
N GLY D 137 49.13 10.96 22.96
CA GLY D 137 49.32 10.91 21.53
C GLY D 137 50.42 11.83 21.01
N CYS D 138 51.32 12.23 21.91
CA CYS D 138 52.45 13.08 21.54
C CYS D 138 53.68 12.66 22.33
N TRP D 139 54.82 12.64 21.66
CA TRP D 139 56.07 12.26 22.31
C TRP D 139 57.23 13.14 21.91
N TYR D 140 58.00 13.57 22.90
CA TYR D 140 59.30 14.16 22.62
C TYR D 140 60.37 13.06 22.57
N VAL D 141 60.60 12.51 21.39
CA VAL D 141 61.81 11.73 21.17
C VAL D 141 62.91 12.71 20.76
N ASP D 142 64.16 12.42 21.14
CA ASP D 142 65.25 13.37 20.90
C ASP D 142 66.39 12.71 20.12
N SER D 143 67.19 13.57 19.52
CA SER D 143 68.10 13.18 18.46
C SER D 143 69.30 12.29 18.75
N GLU D 144 69.19 11.25 19.58
CA GLU D 144 70.37 10.42 19.79
C GLU D 144 70.15 8.93 20.09
N ASN D 145 69.84 8.57 21.33
CA ASN D 145 69.58 7.17 21.75
C ASN D 145 68.89 6.28 20.71
N CYS D 146 68.07 6.96 19.91
CA CYS D 146 67.23 6.41 18.85
C CYS D 146 67.71 7.06 17.54
N ASP D 147 67.94 6.28 16.48
CA ASP D 147 68.39 6.88 15.20
C ASP D 147 67.28 7.07 14.12
N ALA D 148 66.80 5.99 13.53
CA ALA D 148 65.73 6.09 12.52
C ALA D 148 64.95 4.78 12.43
N SER D 149 65.67 3.65 12.47
CA SER D 149 65.03 2.35 12.53
C SER D 149 64.53 2.15 13.95
N CYS D 150 64.94 3.07 14.84
CA CYS D 150 64.51 3.08 16.22
C CYS D 150 63.15 3.76 16.32
N LYS D 151 62.99 4.87 15.59
CA LYS D 151 61.66 5.45 15.43
C LYS D 151 60.73 4.43 14.81
N GLU D 152 61.22 3.81 13.74
CA GLU D 152 60.47 2.80 13.01
C GLU D 152 60.08 1.66 13.94
N TYR D 153 60.90 1.45 14.97
CA TYR D 153 60.58 0.48 15.99
C TYR D 153 59.48 1.02 16.88
N ILE D 154 59.74 2.16 17.53
CA ILE D 154 58.81 2.73 18.49
C ILE D 154 57.48 3.14 17.86
N PHE D 155 57.53 3.87 16.75
CA PHE D 155 56.34 4.53 16.25
C PHE D 155 55.68 3.86 15.06
N ASN D 156 56.26 2.76 14.62
CA ASN D 156 55.92 2.13 13.36
C ASN D 156 55.81 3.11 12.19
N PHE D 157 56.89 3.82 11.81
CA PHE D 157 56.92 4.83 10.71
C PHE D 157 57.29 6.22 11.23
C1 NAG E . 9.51 30.87 0.01
C2 NAG E . 8.46 31.00 1.10
C3 NAG E . 7.90 29.63 1.50
C4 NAG E . 7.44 28.87 0.26
C5 NAG E . 8.54 28.82 -0.79
C6 NAG E . 8.02 28.22 -2.09
C7 NAG E . 8.60 32.81 2.67
C8 NAG E . 9.26 33.37 3.90
N2 NAG E . 9.08 31.66 2.24
O3 NAG E . 6.81 29.76 2.43
O4 NAG E . 7.21 27.53 0.66
O5 NAG E . 9.00 30.13 -1.09
O6 NAG E . 6.97 29.07 -2.59
O7 NAG E . 7.68 33.39 2.10
C1 NAG E . 5.85 27.14 0.47
C2 NAG E . 5.82 25.62 0.53
C3 NAG E . 4.38 25.12 0.46
C4 NAG E . 3.48 25.81 1.50
C5 NAG E . 3.67 27.31 1.43
C6 NAG E . 2.95 27.98 2.61
C7 NAG E . 7.94 24.82 -0.48
C8 NAG E . 8.62 24.42 -1.76
N2 NAG E . 6.62 25.05 -0.56
O3 NAG E . 4.45 23.71 0.70
O4 NAG E . 2.08 25.66 1.23
O5 NAG E . 5.04 27.70 1.48
O6 NAG E . 3.58 27.55 3.82
O7 NAG E . 8.56 24.91 0.56
C1 BMA E . 1.54 24.37 1.50
C2 BMA E . 0.05 24.54 1.83
C3 BMA E . -0.61 23.17 2.01
C4 BMA E . -0.32 22.29 0.79
C5 BMA E . 1.20 22.23 0.60
C6 BMA E . 1.61 21.37 -0.59
O2 BMA E . -0.60 25.25 0.77
O3 BMA E . -2.04 23.33 2.24
O4 BMA E . -0.84 20.98 1.01
O5 BMA E . 1.67 23.54 0.36
O6 BMA E . 0.69 21.70 -1.62
C1 MAN E . 0.98 21.02 -2.84
C2 MAN E . 0.15 21.69 -3.92
C3 MAN E . -1.34 21.49 -3.64
C4 MAN E . -1.64 20.02 -3.39
C5 MAN E . -0.73 19.43 -2.33
C6 MAN E . -1.05 17.96 -2.13
O2 MAN E . 0.49 21.15 -5.19
O3 MAN E . -2.11 21.86 -4.78
O4 MAN E . -3.00 19.87 -2.95
O5 MAN E . 0.64 19.63 -2.74
O6 MAN E . -0.29 17.47 -1.02
C1 MAN E . -2.37 23.27 -4.78
C2 MAN E . -3.85 23.44 -5.13
C3 MAN E . -4.10 22.87 -6.51
C4 MAN E . -3.16 23.47 -7.55
C5 MAN E . -1.69 23.48 -7.08
C6 MAN E . -0.89 24.38 -8.03
O2 MAN E . -4.20 24.82 -5.04
O3 MAN E . -5.47 23.10 -6.90
O4 MAN E . -3.24 22.72 -8.77
O5 MAN E . -1.56 23.97 -5.74
O6 MAN E . 0.43 24.57 -7.51
C1 MAN E . -0.79 16.21 -0.59
C2 MAN E . -0.54 16.06 0.91
C3 MAN E . 0.96 16.00 1.17
C4 MAN E . 1.65 14.97 0.27
C5 MAN E . 1.28 15.20 -1.18
C6 MAN E . 1.91 14.14 -2.08
O2 MAN E . -1.20 14.90 1.43
O3 MAN E . 1.26 15.72 2.54
O4 MAN E . 3.06 15.12 0.42
O5 MAN E . -0.14 15.17 -1.33
O6 MAN E . 1.67 14.48 -3.44
C1 NAG F . 6.53 20.42 1.06
C2 NAG F . 5.20 19.66 1.04
C3 NAG F . 4.11 20.47 1.75
C4 NAG F . 4.55 20.97 3.11
C5 NAG F . 5.86 21.73 2.91
C6 NAG F . 6.35 22.42 4.17
C7 NAG F . 4.37 18.20 -0.69
C8 NAG F . 3.94 18.05 -2.12
N2 NAG F . 4.81 19.40 -0.33
O3 NAG F . 2.92 19.67 1.85
O4 NAG F . 3.59 21.93 3.58
O5 NAG F . 6.83 20.84 2.39
O6 NAG F . 6.56 21.46 5.21
O7 NAG F . 4.33 17.27 0.10
C1 NAG F . 2.70 21.38 4.58
C2 NAG F . 2.10 22.54 5.35
C3 NAG F . 1.12 22.05 6.42
C4 NAG F . 0.05 21.07 5.90
C5 NAG F . 0.74 20.04 5.00
C6 NAG F . -0.25 19.10 4.32
C7 NAG F . 3.31 24.64 5.64
C8 NAG F . 4.26 25.41 6.49
N2 NAG F . 3.09 23.37 6.01
O3 NAG F . 0.55 23.27 6.91
O4 NAG F . -0.56 20.24 6.91
O5 NAG F . 1.62 20.61 4.02
O6 NAG F . -1.08 19.85 3.42
O7 NAG F . 2.78 25.15 4.66
C1 BMA F . -1.55 20.68 7.91
C2 BMA F . -1.60 22.16 8.30
C3 BMA F . -2.52 22.54 9.43
C4 BMA F . -3.86 21.99 9.00
C5 BMA F . -3.72 20.50 8.71
C6 BMA F . -5.09 19.95 8.41
O2 BMA F . -2.03 22.91 7.18
O3 BMA F . -2.50 23.99 9.41
O4 BMA F . -4.88 22.09 10.00
O5 BMA F . -2.87 20.26 7.59
O6 BMA F . -4.84 18.57 8.23
C1 MAN F . -1.80 24.67 10.48
C2 MAN F . -1.35 26.07 10.00
C3 MAN F . 0.04 26.07 9.39
C4 MAN F . 1.04 25.35 10.28
C5 MAN F . 0.56 23.95 10.66
C6 MAN F . 1.49 23.38 11.71
O2 MAN F . -1.37 27.02 11.07
O3 MAN F . 0.51 27.42 9.30
O4 MAN F . 2.25 25.24 9.54
O5 MAN F . -0.77 23.97 11.18
O6 MAN F . 1.24 21.98 11.89
C1 MAN F . 0.16 27.97 8.02
C2 MAN F . 1.42 28.50 7.33
C3 MAN F . 2.03 29.64 8.13
C4 MAN F . 0.98 30.70 8.42
C5 MAN F . -0.29 30.10 9.00
C6 MAN F . -1.36 31.18 9.14
O2 MAN F . 1.07 29.03 6.04
O3 MAN F . 3.09 30.23 7.38
O4 MAN F . 1.53 31.66 9.34
O5 MAN F . -0.78 29.04 8.16
O6 MAN F . -2.57 30.61 9.65
C1 MAN F . -5.96 17.98 7.60
C2 MAN F . -6.63 17.08 8.63
C3 MAN F . -5.73 15.89 8.96
C4 MAN F . -5.05 15.29 7.73
C5 MAN F . -4.42 16.40 6.91
C6 MAN F . -3.62 15.83 5.74
O2 MAN F . -7.95 16.69 8.23
O3 MAN F . -6.47 14.86 9.62
O4 MAN F . -4.04 14.37 8.12
O5 MAN F . -5.47 17.25 6.48
O6 MAN F . -2.98 16.89 5.01
C1 NAG G . -19.47 -35.72 -8.36
C2 NAG G . -19.08 -35.74 -6.88
C3 NAG G . -17.61 -35.42 -6.61
C4 NAG G . -16.70 -36.23 -7.49
C5 NAG G . -17.13 -36.10 -8.94
C6 NAG G . -16.25 -37.00 -9.79
C7 NAG G . -20.92 -35.14 -5.40
C8 NAG G . -21.69 -34.00 -4.82
N2 NAG G . -19.88 -34.78 -6.14
O3 NAG G . -17.34 -35.68 -5.24
O4 NAG G . -15.38 -35.67 -7.44
O5 NAG G . -18.50 -36.44 -9.13
O6 NAG G . -17.04 -37.60 -10.82
O7 NAG G . -21.21 -36.30 -5.20
C1 NAG G . -14.46 -36.48 -6.69
C2 NAG G . -13.09 -36.28 -7.34
C3 NAG G . -11.95 -36.81 -6.47
C4 NAG G . -12.06 -36.19 -5.08
C5 NAG G . -13.41 -36.59 -4.50
C6 NAG G . -13.58 -36.03 -3.09
C7 NAG G . -12.70 -36.27 -9.73
C8 NAG G . -12.77 -37.04 -11.01
N2 NAG G . -13.07 -36.94 -8.63
O3 NAG G . -10.68 -36.46 -7.05
O4 NAG G . -10.98 -36.62 -4.24
O5 NAG G . -14.47 -36.10 -5.32
O6 NAG G . -14.24 -34.76 -3.16
O7 NAG G . -12.31 -35.11 -9.68
C1 NAG H . -8.91 -25.09 -30.82
C2 NAG H . -7.67 -24.24 -31.07
C3 NAG H . -6.60 -25.05 -31.83
C4 NAG H . -6.29 -26.38 -31.14
C5 NAG H . -7.60 -27.13 -30.95
C6 NAG H . -7.39 -28.46 -30.22
C7 NAG H . -7.52 -21.89 -31.66
C8 NAG H . -7.80 -20.87 -32.72
N2 NAG H . -8.03 -23.11 -31.89
O3 NAG H . -5.42 -24.25 -31.95
O4 NAG H . -5.48 -27.20 -31.99
O5 NAG H . -8.54 -26.34 -30.23
O6 NAG H . -7.02 -28.25 -28.85
O7 NAG H . -6.87 -21.65 -30.66
C1 NAG H . -4.08 -27.17 -31.64
C2 NAG H . -3.52 -28.55 -32.01
C3 NAG H . -2.00 -28.60 -31.93
C4 NAG H . -1.44 -27.51 -32.80
C5 NAG H . -1.93 -26.18 -32.22
C6 NAG H . -1.36 -25.01 -32.99
C7 NAG H . -4.79 -30.58 -31.67
C8 NAG H . -5.22 -31.64 -30.69
N2 NAG H . -4.10 -29.56 -31.14
O3 NAG H . -1.54 -29.85 -32.43
O4 NAG H . -0.01 -27.58 -32.85
O5 NAG H . -3.36 -26.11 -32.28
O6 NAG H . -2.37 -24.54 -33.88
O7 NAG H . -5.07 -30.64 -32.85
C1 NAG I . -33.55 -4.13 4.71
C2 NAG I . -33.74 -2.97 3.74
C3 NAG I . -32.42 -2.50 3.16
C4 NAG I . -31.35 -2.29 4.22
C5 NAG I . -31.25 -3.50 5.16
C6 NAG I . -30.33 -3.22 6.34
C7 NAG I . -35.81 -2.85 2.46
C8 NAG I . -36.52 -3.31 1.21
N2 NAG I . -34.60 -3.39 2.66
O3 NAG I . -32.62 -1.27 2.44
O4 NAG I . -30.11 -2.17 3.53
O5 NAG I . -32.53 -3.84 5.69
O6 NAG I . -30.86 -2.15 7.13
O7 NAG I . -36.32 -2.06 3.24
C1 NAG I . -29.49 -0.90 3.77
C2 NAG I . -28.01 -1.13 3.45
C3 NAG I . -27.19 0.12 3.43
C4 NAG I . -27.91 1.21 2.69
C5 NAG I . -29.31 1.47 3.17
C6 NAG I . -30.01 2.53 2.33
C7 NAG I . -27.66 -3.43 4.27
C8 NAG I . -27.20 -4.28 5.42
N2 NAG I . -27.44 -2.11 4.36
O3 NAG I . -25.94 -0.15 2.79
O4 NAG I . -26.98 2.09 3.27
O5 NAG I . -30.02 0.23 3.04
O6 NAG I . -29.91 2.14 0.95
O7 NAG I . -28.21 -3.98 3.32
C1 BMA I . -25.78 2.58 2.60
C2 BMA I . -25.93 4.13 2.54
C3 BMA I . -24.61 4.79 2.11
C4 BMA I . -23.42 4.32 2.94
C5 BMA I . -23.50 2.81 3.04
C6 BMA I . -22.53 2.19 4.02
O2 BMA I . -26.32 4.74 3.78
O3 BMA I . -24.69 6.21 2.22
O4 BMA I . -22.18 4.71 2.38
O5 BMA I . -24.78 2.60 3.59
O6 BMA I . -22.75 2.83 5.29
C1 MAN I . -21.67 2.56 6.20
C2 MAN I . -21.81 3.47 7.43
C3 MAN I . -21.36 4.90 7.14
C4 MAN I . -19.98 4.90 6.53
C5 MAN I . -19.92 4.00 5.31
C6 MAN I . -18.49 3.92 4.83
O2 MAN I . -21.05 2.92 8.50
O3 MAN I . -21.26 5.65 8.36
O4 MAN I . -19.63 6.23 6.12
O5 MAN I . -20.38 2.67 5.59
O6 MAN I . -18.49 3.31 3.54
C1 MAN I . -22.57 6.08 8.74
C2 MAN I . -22.48 7.52 9.24
C3 MAN I . -21.65 7.56 10.53
C4 MAN I . -22.20 6.55 11.54
C5 MAN I . -22.24 5.18 10.90
C6 MAN I . -22.69 4.13 11.92
O2 MAN I . -23.80 8.06 9.44
O3 MAN I . -21.60 8.87 11.09
O4 MAN I . -21.39 6.49 12.72
O5 MAN I . -23.10 5.23 9.76
O6 MAN I . -24.13 4.08 12.04
C1 MAN I . -17.28 3.67 2.87
C2 MAN I . -17.51 3.40 1.40
C3 MAN I . -17.84 1.92 1.25
C4 MAN I . -16.75 1.04 1.86
C5 MAN I . -16.42 1.49 3.28
C6 MAN I . -15.21 0.76 3.85
O2 MAN I . -16.32 3.78 0.69
O3 MAN I . -18.05 1.58 -0.13
O4 MAN I . -17.23 -0.31 1.93
O5 MAN I . -16.16 2.90 3.32
O6 MAN I . -15.06 1.08 5.24
C1 NAG J . -23.18 -2.72 1.81
C2 NAG J . -22.28 -1.51 1.61
C3 NAG J . -23.03 -0.33 0.98
C4 NAG J . -23.76 -0.76 -0.28
C5 NAG J . -24.70 -1.91 0.09
C6 NAG J . -25.47 -2.42 -1.12
C7 NAG J . -20.44 -1.01 3.10
C8 NAG J . -20.03 -0.52 4.44
N2 NAG J . -21.75 -1.12 2.89
O3 NAG J . -22.14 0.76 0.71
O4 NAG J . -24.51 0.34 -0.79
O5 NAG J . -23.93 -3.00 0.62
O6 NAG J . -24.51 -2.69 -2.15
O7 NAG J . -19.65 -1.31 2.23
C1 NAG J . -24.10 0.74 -2.13
C2 NAG J . -25.00 1.88 -2.62
C3 NAG J . -24.62 2.33 -4.04
C4 NAG J . -23.12 2.52 -4.20
C5 NAG J . -22.35 1.35 -3.60
C6 NAG J . -20.85 1.55 -3.69
C7 NAG J . -27.27 1.96 -1.75
C8 NAG J . -28.52 1.16 -1.53
N2 NAG J . -26.38 1.44 -2.60
O3 NAG J . -25.24 3.59 -4.31
O4 NAG J . -22.84 2.62 -5.60
O5 NAG J . -22.73 1.14 -2.23
O6 NAG J . -20.21 0.27 -3.88
O7 NAG J . -27.08 3.03 -1.19
C1 NAG K . 37.61 12.48 3.45
C2 NAG K . 37.47 12.20 1.95
C3 NAG K . 37.05 10.78 1.59
C4 NAG K . 37.88 9.75 2.33
C5 NAG K . 37.77 10.03 3.82
C6 NAG K . 38.64 9.07 4.62
C7 NAG K . 36.87 14.11 0.58
C8 NAG K . 35.79 15.08 0.22
N2 NAG K . 36.50 13.11 1.37
O3 NAG K . 37.21 10.60 0.17
O4 NAG K . 37.33 8.45 2.05
O5 NAG K . 38.15 11.37 4.17
O6 NAG K . 39.97 9.59 4.68
O7 NAG K . 38.02 14.22 0.18
C1 NAG K . 38.15 7.66 1.17
C2 NAG K . 37.63 6.22 1.26
C3 NAG K . 38.29 5.30 0.24
C4 NAG K . 38.19 5.91 -1.14
C5 NAG K . 38.84 7.29 -1.12
C6 NAG K . 38.79 7.91 -2.52
C7 NAG K . 37.37 4.60 3.10
C8 NAG K . 37.79 4.30 4.51
N2 NAG K . 37.80 5.77 2.62
O3 NAG K . 37.64 4.03 0.21
O4 NAG K . 38.83 5.04 -2.09
O5 NAG K . 38.16 8.13 -0.19
O6 NAG K . 38.84 9.34 -2.42
O7 NAG K . 36.68 3.84 2.45
C1 NAG L . 29.13 1.88 26.32
C2 NAG L . 28.04 0.83 26.55
C3 NAG L . 28.65 -0.48 27.08
C4 NAG L . 29.81 -0.95 26.21
C5 NAG L . 30.81 0.18 26.02
C6 NAG L . 31.88 -0.23 25.02
C7 NAG L . 25.82 0.93 27.50
C8 NAG L . 25.01 1.23 28.73
N2 NAG L . 27.08 1.34 27.50
O3 NAG L . 27.64 -1.50 27.13
O4 NAG L . 30.51 -1.99 26.91
O5 NAG L . 30.19 1.36 25.52
O6 NAG L . 31.27 -0.48 23.76
O7 NAG L . 25.35 0.33 26.54
C1 NAG L . 30.24 -3.31 26.42
C2 NAG L . 31.55 -4.10 26.49
C3 NAG L . 31.34 -5.60 26.26
C4 NAG L . 30.27 -6.12 27.20
C5 NAG L . 29.00 -5.31 27.03
C6 NAG L . 27.96 -5.76 28.06
C7 NAG L . 33.64 -2.99 25.90
C8 NAG L . 34.56 -2.59 24.78
N2 NAG L . 32.52 -3.59 25.53
O3 NAG L . 32.58 -6.27 26.53
O4 NAG L . 29.99 -7.50 26.92
O5 NAG L . 29.24 -3.91 27.24
O6 NAG L . 26.74 -5.04 27.85
O7 NAG L . 33.93 -2.77 27.07
AS CAC M . 26.30 15.70 -4.69
O2 CAC M . 26.38 16.63 -6.17
C1 CAC M . 24.46 15.58 -4.03
C2 CAC M . 27.46 16.54 -3.34
C1 NAG N . 1.57 -26.49 -23.29
C2 NAG N . 2.50 -27.20 -24.27
C3 NAG N . 3.85 -26.50 -24.42
C4 NAG N . 3.62 -25.03 -24.78
C5 NAG N . 2.72 -24.38 -23.74
C6 NAG N . 2.42 -22.95 -24.17
C7 NAG N . 2.49 -29.57 -24.74
C8 NAG N . 2.67 -30.96 -24.21
N2 NAG N . 2.69 -28.59 -23.87
O3 NAG N . 4.56 -27.12 -25.49
O4 NAG N . 4.87 -24.35 -24.82
O5 NAG N . 1.47 -25.09 -23.57
O6 NAG N . 2.07 -22.19 -23.01
O7 NAG N . 2.20 -29.35 -25.91
AS CAC O . -20.47 -23.24 5.15
O2 CAC O . -21.08 -23.32 6.78
C1 CAC O . -20.05 -21.39 4.65
C2 CAC O . -21.86 -24.01 3.97
C1 NAG P . 27.15 -7.62 17.80
C2 NAG P . 27.62 -8.89 18.52
C3 NAG P . 26.57 -10.00 18.43
C4 NAG P . 25.22 -9.49 18.90
C5 NAG P . 24.83 -8.22 18.16
C6 NAG P . 23.56 -7.64 18.78
C7 NAG P . 29.99 -9.29 18.66
C8 NAG P . 31.25 -9.27 17.85
N2 NAG P . 28.86 -9.35 17.95
O3 NAG P . 26.98 -11.10 19.25
O4 NAG P . 24.22 -10.50 18.69
O5 NAG P . 25.85 -7.22 18.22
O6 NAG P . 22.41 -8.07 18.03
O7 NAG P . 29.98 -9.28 19.88
#